data_3OD8
#
_entry.id   3OD8
#
_cell.length_a   63.219
_cell.length_b   107.696
_cell.length_c   86.138
_cell.angle_alpha   90.000
_cell.angle_beta   100.200
_cell.angle_gamma   90.000
#
_symmetry.space_group_name_H-M   'P 1 21 1'
#
loop_
_entity.id
_entity.type
_entity.pdbx_description
1 polymer 'Poly [ADP-ribose] polymerase 1'
2 polymer "5'-D(*GP*CP*CP*GP*CP*TP*TP*GP*GP*G)-3'"
3 polymer "5'-D(*CP*CP*CP*AP*AP*GP*CP*GP*GP*C)-3'"
4 non-polymer 'ZINC ION'
5 water water
#
loop_
_entity_poly.entity_id
_entity_poly.type
_entity_poly.pdbx_seq_one_letter_code
_entity_poly.pdbx_strand_id
1 'polypeptide(L)'
;(MSE)GSSHHHHHHSSGLVPRGSH(MSE)AESSDKLYRVEYAKSGRASCKKCSESIPKDSLR(MSE)AI(MSE)VQSP
(MSE)FDGKVPHWYHFSCFWKVGHSIRHPDVEVDGFSELRWDDQQKVKKTAEAGGVTG
;
A,B,C,D,E,F,G,H
2 'polydeoxyribonucleotide' (DG)(DC)(DC)(DG)(DC)(DT)(DT)(DG)(DG)(DG) I,K,M,O
3 'polydeoxyribonucleotide' (DC)(DC)(DC)(DA)(DA)(DG)(DC)(DG)(DG)(DC) J,L,N,P
#
loop_
_chem_comp.id
_chem_comp.type
_chem_comp.name
_chem_comp.formula
DA DNA linking 2'-DEOXYADENOSINE-5'-MONOPHOSPHATE 'C10 H14 N5 O6 P'
DC DNA linking 2'-DEOXYCYTIDINE-5'-MONOPHOSPHATE 'C9 H14 N3 O7 P'
DG DNA linking 2'-DEOXYGUANOSINE-5'-MONOPHOSPHATE 'C10 H14 N5 O7 P'
DT DNA linking THYMIDINE-5'-MONOPHOSPHATE 'C10 H15 N2 O8 P'
ZN non-polymer 'ZINC ION' 'Zn 2'
#
# COMPACT_ATOMS: atom_id res chain seq x y z
N SER A 25 -4.36 -8.72 -39.79
CA SER A 25 -4.53 -9.02 -41.21
C SER A 25 -5.62 -8.13 -41.83
N ASP A 26 -5.31 -7.55 -42.99
CA ASP A 26 -6.27 -6.71 -43.71
C ASP A 26 -6.88 -7.44 -44.91
N LYS A 27 -6.81 -8.77 -44.88
CA LYS A 27 -7.40 -9.59 -45.92
C LYS A 27 -8.91 -9.72 -45.74
N LEU A 28 -9.61 -9.97 -46.83
CA LEU A 28 -11.08 -9.94 -46.82
C LEU A 28 -11.62 -11.30 -46.39
N TYR A 29 -10.80 -12.33 -46.54
CA TYR A 29 -11.25 -13.70 -46.30
C TYR A 29 -10.32 -14.46 -45.37
N ARG A 30 -10.87 -15.47 -44.71
N ARG A 30 -10.87 -15.46 -44.71
CA ARG A 30 -10.11 -16.31 -43.79
CA ARG A 30 -10.10 -16.33 -43.83
C ARG A 30 -10.56 -17.75 -43.98
C ARG A 30 -10.55 -17.76 -44.06
N VAL A 31 -9.61 -18.69 -43.96
CA VAL A 31 -9.91 -20.11 -44.05
C VAL A 31 -9.15 -20.80 -42.95
N GLU A 32 -9.79 -21.79 -42.31
CA GLU A 32 -9.17 -22.51 -41.20
C GLU A 32 -10.01 -23.73 -40.81
N TYR A 33 -9.39 -24.62 -40.05
CA TYR A 33 -10.07 -25.77 -39.45
C TYR A 33 -10.83 -25.25 -38.24
N ALA A 34 -12.13 -25.51 -38.17
CA ALA A 34 -12.97 -24.90 -37.15
C ALA A 34 -12.40 -25.11 -35.77
N LYS A 35 -12.21 -24.01 -35.04
CA LYS A 35 -11.59 -24.07 -33.73
C LYS A 35 -12.56 -24.63 -32.70
N SER A 36 -13.85 -24.48 -32.96
CA SER A 36 -14.88 -25.08 -32.13
C SER A 36 -15.98 -25.58 -33.05
N GLY A 37 -17.03 -26.15 -32.47
CA GLY A 37 -18.16 -26.61 -33.27
C GLY A 37 -19.32 -25.65 -33.12
N ARG A 38 -19.03 -24.48 -32.58
CA ARG A 38 -20.08 -23.55 -32.17
C ARG A 38 -20.49 -22.49 -33.20
N ALA A 39 -19.62 -22.20 -34.17
CA ALA A 39 -19.94 -21.18 -35.15
C ALA A 39 -21.14 -21.59 -36.01
N SER A 40 -22.04 -20.65 -36.28
CA SER A 40 -23.15 -20.90 -37.20
C SER A 40 -22.88 -20.32 -38.57
N CYS A 41 -23.14 -21.13 -39.58
CA CYS A 41 -23.01 -20.75 -40.97
C CYS A 41 -23.97 -19.61 -41.29
N LYS A 42 -23.44 -18.54 -41.87
CA LYS A 42 -24.29 -17.39 -42.16
C LYS A 42 -25.32 -17.70 -43.22
N LYS A 43 -25.01 -18.63 -44.12
CA LYS A 43 -25.97 -19.01 -45.14
C LYS A 43 -27.10 -19.95 -44.68
N CYS A 44 -26.74 -21.12 -44.12
CA CYS A 44 -27.73 -22.15 -43.80
C CYS A 44 -28.08 -22.22 -42.33
N SER A 45 -27.32 -21.51 -41.50
CA SER A 45 -27.58 -21.42 -40.06
C SER A 45 -27.34 -22.71 -39.29
N GLU A 46 -26.71 -23.67 -39.92
CA GLU A 46 -26.37 -24.87 -39.21
C GLU A 46 -24.97 -24.71 -38.64
N SER A 47 -24.68 -25.42 -37.56
CA SER A 47 -23.41 -25.24 -36.91
C SER A 47 -22.30 -25.86 -37.76
N ILE A 48 -21.09 -25.37 -37.57
CA ILE A 48 -19.94 -25.80 -38.32
C ILE A 48 -19.05 -26.62 -37.41
N PRO A 49 -18.90 -27.93 -37.71
CA PRO A 49 -18.23 -28.92 -36.85
C PRO A 49 -16.77 -28.63 -36.62
N LYS A 50 -16.33 -28.74 -35.37
CA LYS A 50 -14.93 -28.59 -35.01
C LYS A 50 -13.99 -29.30 -36.01
N ASP A 51 -12.86 -28.66 -36.30
CA ASP A 51 -11.86 -29.22 -37.21
C ASP A 51 -12.21 -29.21 -38.70
N SER A 52 -13.48 -28.98 -39.01
CA SER A 52 -13.88 -28.97 -40.41
C SER A 52 -13.39 -27.70 -41.12
N LEU A 53 -13.25 -27.76 -42.44
CA LEU A 53 -12.75 -26.63 -43.18
C LEU A 53 -13.86 -25.58 -43.34
N ARG A 54 -13.63 -24.39 -42.79
CA ARG A 54 -14.63 -23.33 -42.84
C ARG A 54 -14.02 -22.03 -43.37
N MSE A 55 -14.85 -21.15 -43.91
CA MSE A 55 -14.33 -19.92 -44.47
C MSE A 55 -15.13 -18.70 -44.06
O MSE A 55 -16.33 -18.76 -43.90
CB MSE A 55 -14.22 -20.01 -45.99
CG MSE A 55 -13.14 -20.97 -46.45
SE MSE A 55 -12.93 -20.99 -48.38
CE MSE A 55 -12.06 -19.25 -48.63
N ALA A 56 -14.44 -17.58 -43.89
CA ALA A 56 -15.09 -16.35 -43.45
C ALA A 56 -14.89 -15.20 -44.41
N ILE A 57 -15.88 -14.34 -44.40
CA ILE A 57 -15.72 -12.98 -44.86
C ILE A 57 -15.43 -12.15 -43.62
N MSE A 58 -14.33 -11.40 -43.65
CA MSE A 58 -13.93 -10.60 -42.53
C MSE A 58 -14.62 -9.25 -42.60
O MSE A 58 -14.49 -8.54 -43.61
CB MSE A 58 -12.42 -10.42 -42.52
CG MSE A 58 -11.64 -11.72 -42.44
SE MSE A 58 -12.10 -12.78 -40.85
CE MSE A 58 -11.76 -11.45 -39.46
N VAL A 59 -15.36 -8.90 -41.55
CA VAL A 59 -16.15 -7.69 -41.60
C VAL A 59 -15.88 -6.81 -40.40
N GLN A 60 -16.11 -5.51 -40.54
CA GLN A 60 -15.86 -4.58 -39.47
C GLN A 60 -16.94 -4.75 -38.43
N SER A 61 -16.58 -4.67 -37.16
CA SER A 61 -17.57 -4.82 -36.10
C SER A 61 -18.28 -3.50 -35.80
N PRO A 62 -19.52 -3.60 -35.28
CA PRO A 62 -20.25 -2.45 -34.76
C PRO A 62 -20.17 -2.37 -33.23
N MSE A 63 -19.57 -3.40 -32.62
CA MSE A 63 -19.44 -3.48 -31.16
C MSE A 63 -18.14 -2.89 -30.67
O MSE A 63 -18.02 -2.49 -29.51
CB MSE A 63 -19.49 -4.93 -30.67
CG MSE A 63 -20.73 -5.71 -31.06
SE MSE A 63 -22.38 -4.85 -30.50
CE MSE A 63 -22.81 -3.88 -32.15
N PHE A 64 -17.15 -2.84 -31.55
CA PHE A 64 -15.81 -2.46 -31.13
C PHE A 64 -14.97 -2.26 -32.37
N ASP A 65 -13.71 -1.87 -32.15
CA ASP A 65 -12.85 -1.53 -33.26
C ASP A 65 -11.99 -2.71 -33.70
N GLY A 66 -12.46 -3.46 -34.68
CA GLY A 66 -11.71 -4.59 -35.21
C GLY A 66 -12.59 -5.51 -36.06
N LYS A 67 -11.94 -6.35 -36.85
CA LYS A 67 -12.65 -7.30 -37.71
C LYS A 67 -13.20 -8.52 -36.98
N VAL A 68 -14.37 -8.97 -37.40
CA VAL A 68 -14.91 -10.26 -36.96
C VAL A 68 -15.22 -11.11 -38.17
N PRO A 69 -15.06 -12.44 -38.05
CA PRO A 69 -15.37 -13.35 -39.16
C PRO A 69 -16.86 -13.65 -39.31
N HIS A 70 -17.36 -13.71 -40.54
CA HIS A 70 -18.65 -14.29 -40.78
C HIS A 70 -18.37 -15.66 -41.37
N TRP A 71 -18.58 -16.71 -40.56
CA TRP A 71 -18.20 -18.07 -40.93
C TRP A 71 -19.26 -18.75 -41.80
N TYR A 72 -18.77 -19.57 -42.72
CA TYR A 72 -19.63 -20.40 -43.56
C TYR A 72 -19.03 -21.81 -43.62
N HIS A 73 -19.87 -22.80 -43.83
CA HIS A 73 -19.38 -24.08 -44.32
C HIS A 73 -18.60 -23.82 -45.61
N PHE A 74 -17.58 -24.63 -45.85
CA PHE A 74 -16.82 -24.54 -47.09
C PHE A 74 -17.73 -24.43 -48.34
N SER A 75 -18.70 -25.31 -48.46
CA SER A 75 -19.51 -25.27 -49.67
C SER A 75 -20.45 -24.06 -49.67
N CYS A 76 -21.00 -23.74 -48.50
CA CYS A 76 -21.90 -22.60 -48.38
C CYS A 76 -21.21 -21.29 -48.78
N PHE A 77 -19.95 -21.17 -48.41
CA PHE A 77 -19.17 -19.99 -48.77
C PHE A 77 -19.16 -19.75 -50.29
N TRP A 78 -18.88 -20.80 -51.04
CA TRP A 78 -18.78 -20.67 -52.48
C TRP A 78 -20.14 -20.41 -53.10
N LYS A 79 -21.19 -21.02 -52.56
CA LYS A 79 -22.52 -20.80 -53.10
C LYS A 79 -22.93 -19.32 -53.14
N VAL A 80 -22.38 -18.50 -52.23
CA VAL A 80 -22.85 -17.11 -52.16
C VAL A 80 -22.00 -16.18 -53.03
N GLY A 81 -21.14 -16.77 -53.87
CA GLY A 81 -20.52 -16.06 -54.98
C GLY A 81 -19.31 -15.18 -54.76
N HIS A 82 -18.10 -15.68 -55.01
CA HIS A 82 -16.89 -14.84 -54.90
C HIS A 82 -15.95 -14.96 -56.10
N SER A 83 -15.20 -13.89 -56.35
CA SER A 83 -14.23 -13.84 -57.42
C SER A 83 -12.83 -13.77 -56.85
N ILE A 84 -12.44 -14.82 -56.14
CA ILE A 84 -11.09 -14.88 -55.59
C ILE A 84 -10.12 -15.48 -56.63
N ARG A 85 -9.18 -14.67 -57.10
CA ARG A 85 -8.28 -15.08 -58.18
C ARG A 85 -7.08 -15.83 -57.63
N HIS A 86 -6.38 -15.20 -56.69
CA HIS A 86 -5.24 -15.82 -56.01
C HIS A 86 -5.53 -16.12 -54.54
N PRO A 87 -6.06 -17.31 -54.27
CA PRO A 87 -6.40 -17.74 -52.91
C PRO A 87 -5.24 -17.59 -51.92
N ASP A 88 -4.05 -17.99 -52.34
CA ASP A 88 -2.85 -17.88 -51.50
C ASP A 88 -2.59 -16.48 -50.92
N VAL A 89 -2.88 -15.42 -51.69
CA VAL A 89 -2.67 -14.06 -51.19
C VAL A 89 -3.93 -13.45 -50.59
N GLU A 90 -5.08 -13.80 -51.15
CA GLU A 90 -6.35 -13.17 -50.75
C GLU A 90 -6.98 -13.78 -49.50
N VAL A 91 -6.72 -15.05 -49.23
CA VAL A 91 -7.33 -15.70 -48.08
C VAL A 91 -6.37 -15.92 -46.93
N ASP A 92 -6.51 -15.12 -45.89
CA ASP A 92 -5.73 -15.32 -44.67
C ASP A 92 -5.90 -16.75 -44.12
N GLY A 93 -4.81 -17.36 -43.66
CA GLY A 93 -4.80 -18.72 -43.15
C GLY A 93 -4.56 -19.80 -44.19
N PHE A 94 -4.50 -19.41 -45.46
CA PHE A 94 -4.39 -20.39 -46.55
C PHE A 94 -3.14 -21.27 -46.43
N SER A 95 -2.04 -20.66 -46.05
CA SER A 95 -0.75 -21.35 -46.02
C SER A 95 -0.68 -22.39 -44.89
N GLU A 96 -1.55 -22.27 -43.89
CA GLU A 96 -1.55 -23.20 -42.76
C GLU A 96 -2.46 -24.40 -42.97
N LEU A 97 -3.03 -24.51 -44.16
CA LEU A 97 -3.85 -25.66 -44.48
C LEU A 97 -3.00 -26.84 -44.97
N ARG A 98 -3.52 -28.04 -44.76
CA ARG A 98 -2.90 -29.21 -45.34
C ARG A 98 -2.88 -29.03 -46.85
N TRP A 99 -1.82 -29.51 -47.50
CA TRP A 99 -1.65 -29.35 -48.95
C TRP A 99 -2.90 -29.75 -49.68
N ASP A 100 -3.42 -30.90 -49.29
CA ASP A 100 -4.71 -31.44 -49.71
C ASP A 100 -5.78 -30.36 -49.83
N ASP A 101 -5.90 -29.57 -48.76
CA ASP A 101 -6.97 -28.58 -48.64
C ASP A 101 -6.62 -27.29 -49.38
N GLN A 102 -5.34 -26.93 -49.38
CA GLN A 102 -4.87 -25.82 -50.18
C GLN A 102 -5.27 -26.01 -51.62
N GLN A 103 -5.12 -27.24 -52.10
CA GLN A 103 -5.46 -27.55 -53.47
C GLN A 103 -6.96 -27.49 -53.70
N LYS A 104 -7.73 -27.94 -52.72
CA LYS A 104 -9.19 -27.91 -52.85
C LYS A 104 -9.67 -26.46 -52.89
N VAL A 105 -8.99 -25.59 -52.15
CA VAL A 105 -9.32 -24.18 -52.16
C VAL A 105 -9.01 -23.54 -53.52
N LYS A 106 -7.79 -23.74 -54.00
CA LYS A 106 -7.38 -23.18 -55.29
C LYS A 106 -8.32 -23.63 -56.39
N LYS A 107 -8.51 -24.95 -56.44
CA LYS A 107 -9.37 -25.56 -57.44
C LYS A 107 -10.75 -24.92 -57.42
N THR A 108 -11.33 -24.82 -56.25
CA THR A 108 -12.69 -24.31 -56.10
C THR A 108 -12.78 -22.86 -56.52
N ALA A 109 -11.81 -22.06 -56.12
CA ALA A 109 -11.80 -20.64 -56.45
C ALA A 109 -11.76 -20.41 -57.96
N GLU A 110 -10.94 -21.20 -58.64
CA GLU A 110 -10.78 -21.09 -60.08
C GLU A 110 -12.07 -21.41 -60.81
N ALA A 111 -12.82 -22.37 -60.28
CA ALA A 111 -14.11 -22.72 -60.88
C ALA A 111 -15.23 -21.86 -60.30
N SER B 25 -8.55 -43.16 -12.74
CA SER B 25 -8.68 -44.59 -12.44
C SER B 25 -9.13 -44.82 -11.01
N ASP B 26 -8.53 -45.83 -10.39
CA ASP B 26 -8.77 -46.16 -8.99
C ASP B 26 -7.51 -45.93 -8.16
N LYS B 27 -6.43 -45.55 -8.83
CA LYS B 27 -5.13 -45.43 -8.17
C LYS B 27 -5.06 -44.22 -7.23
N LEU B 28 -4.20 -44.32 -6.22
CA LEU B 28 -4.12 -43.26 -5.21
C LEU B 28 -3.34 -42.06 -5.67
N TYR B 29 -2.48 -42.24 -6.66
CA TYR B 29 -1.60 -41.15 -7.07
C TYR B 29 -1.68 -40.88 -8.56
N ARG B 30 -1.33 -39.66 -8.93
CA ARG B 30 -1.25 -39.27 -10.31
C ARG B 30 -0.01 -38.42 -10.52
N VAL B 31 0.65 -38.63 -11.65
CA VAL B 31 1.79 -37.86 -12.06
C VAL B 31 1.54 -37.41 -13.52
N GLU B 32 1.86 -36.17 -13.85
CA GLU B 32 1.67 -35.61 -15.19
C GLU B 32 2.43 -34.29 -15.32
N TYR B 33 2.54 -33.80 -16.55
CA TYR B 33 3.08 -32.47 -16.81
C TYR B 33 1.95 -31.47 -16.62
N ALA B 34 2.19 -30.41 -15.85
CA ALA B 34 1.09 -29.60 -15.32
C ALA B 34 0.29 -28.99 -16.46
N LYS B 35 -1.03 -29.14 -16.39
CA LYS B 35 -1.88 -28.69 -17.49
C LYS B 35 -1.98 -27.19 -17.52
N SER B 36 -1.77 -26.54 -16.38
CA SER B 36 -1.68 -25.09 -16.30
C SER B 36 -0.58 -24.75 -15.31
N GLY B 37 -0.43 -23.45 -15.06
CA GLY B 37 0.54 -22.95 -14.09
C GLY B 37 -0.16 -22.47 -12.83
N ARG B 38 -1.45 -22.78 -12.68
CA ARG B 38 -2.26 -22.25 -11.59
C ARG B 38 -2.28 -23.08 -10.29
N ALA B 39 -2.05 -24.38 -10.37
CA ALA B 39 -2.10 -25.22 -9.19
C ALA B 39 -1.04 -24.77 -8.19
N SER B 40 -1.41 -24.73 -6.91
CA SER B 40 -0.41 -24.44 -5.87
C SER B 40 -0.04 -25.67 -5.06
N CYS B 41 1.26 -25.78 -4.78
CA CYS B 41 1.83 -26.93 -4.11
C CYS B 41 1.29 -27.03 -2.71
N LYS B 42 0.83 -28.21 -2.34
CA LYS B 42 0.19 -28.35 -1.03
C LYS B 42 1.21 -28.52 0.07
N LYS B 43 2.50 -28.59 -0.28
CA LYS B 43 3.53 -28.50 0.74
C LYS B 43 4.09 -27.08 0.85
N CYS B 44 4.68 -26.55 -0.22
CA CYS B 44 5.39 -25.28 -0.13
C CYS B 44 4.52 -24.05 -0.43
N SER B 45 3.37 -24.27 -1.05
CA SER B 45 2.41 -23.21 -1.38
C SER B 45 2.72 -22.42 -2.66
N GLU B 46 3.91 -22.58 -3.22
CA GLU B 46 4.25 -21.88 -4.45
C GLU B 46 3.57 -22.54 -5.65
N SER B 47 3.42 -21.80 -6.75
CA SER B 47 2.73 -22.32 -7.92
C SER B 47 3.55 -23.39 -8.65
N ILE B 48 2.84 -24.30 -9.29
CA ILE B 48 3.45 -25.36 -10.08
C ILE B 48 3.41 -24.95 -11.55
N PRO B 49 4.59 -24.63 -12.11
CA PRO B 49 4.73 -24.14 -13.49
C PRO B 49 4.12 -25.09 -14.52
N LYS B 50 3.43 -24.51 -15.51
CA LYS B 50 2.91 -25.26 -16.65
C LYS B 50 3.94 -26.18 -17.28
N ASP B 51 3.52 -27.39 -17.61
CA ASP B 51 4.38 -28.42 -18.20
C ASP B 51 5.42 -29.00 -17.26
N SER B 52 5.56 -28.49 -16.05
CA SER B 52 6.50 -29.13 -15.12
C SER B 52 5.94 -30.44 -14.59
N LEU B 53 6.84 -31.29 -14.10
CA LEU B 53 6.45 -32.58 -13.55
C LEU B 53 5.82 -32.40 -12.17
N ARG B 54 4.59 -32.84 -12.02
CA ARG B 54 3.90 -32.65 -10.76
C ARG B 54 3.23 -33.94 -10.33
N MSE B 55 2.98 -34.08 -9.03
CA MSE B 55 2.38 -35.29 -8.49
C MSE B 55 1.24 -35.01 -7.55
O MSE B 55 1.23 -34.03 -6.81
CB MSE B 55 3.43 -36.13 -7.79
CG MSE B 55 4.55 -36.49 -8.74
SE MSE B 55 5.63 -37.90 -8.03
CE MSE B 55 4.29 -39.33 -8.14
N ALA B 56 0.26 -35.89 -7.54
CA ALA B 56 -0.89 -35.68 -6.69
C ALA B 56 -1.25 -36.93 -5.87
N ILE B 57 -1.83 -36.69 -4.70
CA ILE B 57 -2.59 -37.73 -4.04
C ILE B 57 -4.00 -37.46 -4.54
N MSE B 58 -4.76 -38.51 -4.85
CA MSE B 58 -6.14 -38.35 -5.32
C MSE B 58 -7.11 -38.64 -4.21
O MSE B 58 -6.96 -39.61 -3.46
CB MSE B 58 -6.44 -39.30 -6.49
CG MSE B 58 -5.54 -39.15 -7.72
SE MSE B 58 -5.60 -37.40 -8.61
CE MSE B 58 -7.53 -37.20 -8.82
N VAL B 59 -8.14 -37.80 -4.10
CA VAL B 59 -9.19 -38.00 -3.09
C VAL B 59 -10.55 -37.88 -3.73
N GLN B 60 -11.48 -38.70 -3.24
CA GLN B 60 -12.88 -38.64 -3.66
C GLN B 60 -13.63 -37.53 -2.96
N SER B 61 -14.26 -36.65 -3.72
CA SER B 61 -15.09 -35.59 -3.16
C SER B 61 -16.43 -36.15 -2.68
N PRO B 62 -16.87 -35.76 -1.47
CA PRO B 62 -18.18 -36.21 -1.01
C PRO B 62 -19.27 -35.31 -1.59
N MSE B 63 -18.85 -34.30 -2.35
CA MSE B 63 -19.74 -33.26 -2.87
C MSE B 63 -20.15 -33.51 -4.31
O MSE B 63 -21.07 -32.88 -4.82
CB MSE B 63 -19.04 -31.90 -2.81
CG MSE B 63 -18.57 -31.50 -1.42
SE MSE B 63 -20.06 -31.31 -0.20
CE MSE B 63 -20.14 -33.11 0.56
N PHE B 64 -19.41 -34.39 -4.98
CA PHE B 64 -19.67 -34.73 -6.37
C PHE B 64 -18.93 -35.99 -6.76
N ASP B 65 -19.45 -36.72 -7.74
CA ASP B 65 -18.82 -37.97 -8.16
C ASP B 65 -17.59 -37.65 -9.01
N GLY B 66 -16.48 -37.37 -8.34
CA GLY B 66 -15.26 -36.98 -9.01
C GLY B 66 -14.09 -36.99 -8.04
N LYS B 67 -12.89 -37.21 -8.59
CA LYS B 67 -11.70 -37.24 -7.76
C LYS B 67 -11.02 -35.88 -7.79
N VAL B 68 -10.50 -35.48 -6.63
CA VAL B 68 -9.82 -34.20 -6.47
C VAL B 68 -8.35 -34.48 -6.22
N PRO B 69 -7.47 -33.78 -6.94
CA PRO B 69 -6.03 -33.91 -6.76
C PRO B 69 -5.45 -32.91 -5.75
N HIS B 70 -4.61 -33.38 -4.85
CA HIS B 70 -3.76 -32.48 -4.10
C HIS B 70 -2.43 -32.50 -4.82
N TRP B 71 -2.10 -31.41 -5.49
CA TRP B 71 -0.88 -31.36 -6.30
C TRP B 71 0.34 -30.91 -5.52
N TYR B 72 1.52 -31.37 -5.95
CA TYR B 72 2.78 -30.98 -5.34
C TYR B 72 3.82 -30.89 -6.44
N HIS B 73 4.81 -30.01 -6.26
CA HIS B 73 6.02 -30.09 -7.05
C HIS B 73 6.57 -31.51 -6.84
N PHE B 74 7.28 -32.03 -7.83
CA PHE B 74 7.81 -33.37 -7.74
C PHE B 74 8.56 -33.59 -6.44
N SER B 75 9.48 -32.69 -6.13
CA SER B 75 10.33 -32.87 -4.96
C SER B 75 9.55 -32.74 -3.67
N CYS B 76 8.62 -31.80 -3.63
CA CYS B 76 7.81 -31.57 -2.43
C CYS B 76 6.93 -32.78 -2.07
N PHE B 77 6.49 -33.52 -3.08
CA PHE B 77 5.57 -34.65 -2.87
C PHE B 77 6.13 -35.65 -1.88
N TRP B 78 7.44 -35.87 -1.94
CA TRP B 78 8.12 -36.83 -1.09
C TRP B 78 8.41 -36.27 0.30
N LYS B 79 8.35 -34.96 0.47
CA LYS B 79 8.72 -34.37 1.74
C LYS B 79 7.57 -34.34 2.73
N VAL B 80 6.39 -34.80 2.34
CA VAL B 80 5.25 -34.68 3.23
C VAL B 80 4.84 -36.03 3.78
N GLY B 81 5.56 -37.08 3.39
CA GLY B 81 5.26 -38.39 3.90
C GLY B 81 4.48 -39.28 2.94
N HIS B 82 4.16 -38.75 1.75
CA HIS B 82 3.59 -39.60 0.72
C HIS B 82 4.69 -40.57 0.32
N SER B 83 4.33 -41.83 0.10
CA SER B 83 5.36 -42.85 -0.18
C SER B 83 4.91 -43.86 -1.25
N ILE B 84 5.85 -44.31 -2.07
CA ILE B 84 5.51 -45.18 -3.20
C ILE B 84 6.52 -46.32 -3.47
N ARG B 85 6.04 -47.55 -3.44
CA ARG B 85 6.89 -48.70 -3.73
C ARG B 85 6.98 -48.99 -5.22
N HIS B 86 5.82 -49.10 -5.87
CA HIS B 86 5.80 -49.40 -7.29
C HIS B 86 5.06 -48.33 -8.09
N PRO B 87 5.80 -47.31 -8.56
CA PRO B 87 5.26 -46.24 -9.40
C PRO B 87 4.42 -46.78 -10.55
N ASP B 88 4.99 -47.71 -11.31
CA ASP B 88 4.30 -48.31 -12.44
C ASP B 88 2.86 -48.73 -12.13
N VAL B 89 2.62 -49.33 -10.98
CA VAL B 89 1.27 -49.81 -10.65
C VAL B 89 0.47 -48.89 -9.74
N GLU B 90 1.16 -48.07 -8.95
CA GLU B 90 0.48 -47.19 -7.99
C GLU B 90 0.10 -45.81 -8.53
N VAL B 91 0.85 -45.31 -9.51
CA VAL B 91 0.74 -43.92 -9.93
C VAL B 91 0.15 -43.79 -11.32
N ASP B 92 -1.08 -43.31 -11.40
CA ASP B 92 -1.73 -43.11 -12.69
C ASP B 92 -0.96 -42.09 -13.52
N GLY B 93 -0.74 -42.42 -14.80
CA GLY B 93 -0.05 -41.53 -15.72
C GLY B 93 1.43 -41.82 -15.84
N PHE B 94 1.93 -42.76 -15.05
CA PHE B 94 3.36 -43.05 -14.99
C PHE B 94 3.93 -43.48 -16.33
N SER B 95 3.24 -44.39 -16.99
CA SER B 95 3.74 -44.93 -18.25
C SER B 95 3.68 -43.94 -19.43
N GLU B 96 2.95 -42.83 -19.26
CA GLU B 96 2.89 -41.80 -20.28
C GLU B 96 3.93 -40.69 -20.11
N LEU B 97 4.74 -40.78 -19.06
CA LEU B 97 5.80 -39.79 -18.84
C LEU B 97 6.93 -40.07 -19.81
N ARG B 98 7.71 -39.04 -20.09
CA ARG B 98 8.93 -39.22 -20.83
C ARG B 98 9.81 -40.20 -20.06
N TRP B 99 10.60 -40.97 -20.81
CA TRP B 99 11.43 -42.00 -20.24
C TRP B 99 12.24 -41.47 -19.05
N ASP B 100 12.87 -40.32 -19.25
CA ASP B 100 13.69 -39.64 -18.25
C ASP B 100 12.99 -39.53 -16.91
N ASP B 101 11.74 -39.07 -16.98
CA ASP B 101 10.96 -38.79 -15.79
C ASP B 101 10.41 -40.08 -15.16
N GLN B 102 10.25 -41.12 -15.98
CA GLN B 102 9.89 -42.43 -15.45
C GLN B 102 11.00 -42.95 -14.52
N GLN B 103 12.25 -42.82 -14.96
CA GLN B 103 13.38 -43.31 -14.19
C GLN B 103 13.61 -42.45 -12.94
N LYS B 104 13.36 -41.15 -13.08
CA LYS B 104 13.42 -40.24 -11.94
C LYS B 104 12.40 -40.61 -10.86
N VAL B 105 11.14 -40.79 -11.26
CA VAL B 105 10.12 -41.24 -10.32
C VAL B 105 10.49 -42.57 -9.65
N LYS B 106 10.90 -43.55 -10.44
CA LYS B 106 11.23 -44.87 -9.92
C LYS B 106 12.41 -44.81 -8.94
N LYS B 107 13.42 -44.04 -9.31
CA LYS B 107 14.61 -43.83 -8.49
C LYS B 107 14.25 -43.12 -7.19
N THR B 108 13.45 -42.08 -7.28
CA THR B 108 13.10 -41.29 -6.12
C THR B 108 12.21 -42.10 -5.17
N ALA B 109 11.40 -42.99 -5.71
CA ALA B 109 10.50 -43.80 -4.92
C ALA B 109 11.30 -44.82 -4.10
N GLU B 110 12.23 -45.49 -4.77
CA GLU B 110 13.11 -46.45 -4.11
C GLU B 110 13.93 -45.77 -3.03
N ALA B 111 14.32 -44.52 -3.26
CA ALA B 111 15.05 -43.77 -2.23
C ALA B 111 14.08 -43.35 -1.13
N SER C 25 33.79 -20.27 21.10
CA SER C 25 33.56 -19.82 22.47
C SER C 25 33.81 -20.97 23.45
N ASP C 26 34.19 -20.61 24.67
CA ASP C 26 34.47 -21.58 25.72
C ASP C 26 33.33 -21.68 26.73
N LYS C 27 32.28 -20.90 26.53
CA LYS C 27 31.18 -20.84 27.47
C LYS C 27 30.30 -22.09 27.38
N LEU C 28 29.65 -22.46 28.48
CA LEU C 28 28.88 -23.70 28.52
C LEU C 28 27.45 -23.49 28.06
N TYR C 29 27.03 -22.23 28.03
CA TYR C 29 25.65 -21.89 27.71
C TYR C 29 25.59 -20.81 26.67
N ARG C 30 24.47 -20.76 25.96
CA ARG C 30 24.22 -19.70 25.00
C ARG C 30 22.75 -19.31 25.09
N VAL C 31 22.47 -18.02 24.92
CA VAL C 31 21.10 -17.50 24.89
C VAL C 31 20.98 -16.50 23.72
N GLU C 32 19.85 -16.54 23.01
CA GLU C 32 19.66 -15.69 21.83
C GLU C 32 18.22 -15.78 21.39
N TYR C 33 17.81 -14.87 20.50
CA TYR C 33 16.51 -14.96 19.89
C TYR C 33 16.58 -15.98 18.76
N ALA C 34 15.61 -16.88 18.69
CA ALA C 34 15.70 -18.01 17.76
C ALA C 34 15.89 -17.51 16.32
N LYS C 35 17.02 -17.87 15.73
CA LYS C 35 17.33 -17.47 14.38
C LYS C 35 16.36 -18.06 13.36
N SER C 36 15.78 -19.22 13.68
CA SER C 36 14.76 -19.83 12.85
C SER C 36 13.72 -20.40 13.78
N GLY C 37 12.67 -21.01 13.23
CA GLY C 37 11.66 -21.67 14.04
C GLY C 37 11.83 -23.17 14.05
N ARG C 38 12.97 -23.65 13.57
CA ARG C 38 13.18 -25.08 13.33
C ARG C 38 13.81 -25.91 14.47
N ALA C 39 14.49 -25.27 15.41
CA ALA C 39 15.11 -26.03 16.50
C ALA C 39 14.05 -26.74 17.34
N SER C 40 14.31 -28.00 17.70
CA SER C 40 13.45 -28.70 18.65
C SER C 40 14.01 -28.65 20.06
N CYS C 41 13.17 -28.28 21.00
CA CYS C 41 13.54 -28.26 22.40
C CYS C 41 13.94 -29.68 22.84
N LYS C 42 15.15 -29.81 23.37
CA LYS C 42 15.61 -31.09 23.91
C LYS C 42 14.69 -31.68 24.97
N LYS C 43 14.07 -30.83 25.77
CA LYS C 43 13.17 -31.33 26.79
C LYS C 43 11.78 -31.74 26.27
N CYS C 44 11.04 -30.81 25.68
CA CYS C 44 9.65 -31.08 25.33
C CYS C 44 9.47 -31.50 23.88
N SER C 45 10.52 -31.32 23.07
CA SER C 45 10.51 -31.78 21.68
C SER C 45 9.70 -30.93 20.72
N GLU C 46 9.04 -29.91 21.23
CA GLU C 46 8.33 -28.98 20.36
C GLU C 46 9.27 -27.95 19.75
N SER C 47 8.84 -27.37 18.63
CA SER C 47 9.62 -26.36 17.94
C SER C 47 9.77 -25.08 18.75
N ILE C 48 10.87 -24.38 18.52
CA ILE C 48 11.14 -23.12 19.17
C ILE C 48 10.96 -22.01 18.12
N PRO C 49 9.91 -21.20 18.30
CA PRO C 49 9.48 -20.19 17.32
C PRO C 49 10.54 -19.15 17.03
N LYS C 50 10.66 -18.77 15.77
CA LYS C 50 11.62 -17.76 15.36
C LYS C 50 11.54 -16.52 16.26
N ASP C 51 12.70 -15.96 16.58
CA ASP C 51 12.80 -14.75 17.41
C ASP C 51 12.44 -14.88 18.91
N SER C 52 11.90 -16.03 19.32
CA SER C 52 11.62 -16.25 20.75
C SER C 52 12.91 -16.49 21.52
N LEU C 53 12.90 -16.21 22.83
CA LEU C 53 14.10 -16.34 23.66
C LEU C 53 14.38 -17.81 23.95
N ARG C 54 15.54 -18.28 23.49
CA ARG C 54 15.89 -19.70 23.61
C ARG C 54 17.29 -19.85 24.22
N MSE C 55 17.52 -20.95 24.93
CA MSE C 55 18.80 -21.16 25.58
C MSE C 55 19.39 -22.52 25.28
O MSE C 55 18.65 -23.49 25.11
CB MSE C 55 18.66 -20.99 27.10
CG MSE C 55 18.23 -19.61 27.50
SE MSE C 55 18.60 -19.22 29.37
CE MSE C 55 20.55 -19.46 29.33
N ALA C 56 20.71 -22.60 25.24
CA ALA C 56 21.40 -23.83 24.89
C ALA C 56 22.44 -24.24 25.90
N ILE C 57 22.65 -25.54 26.03
CA ILE C 57 23.90 -26.02 26.59
C ILE C 57 24.79 -26.40 25.40
N MSE C 58 26.04 -25.96 25.44
CA MSE C 58 26.97 -26.25 24.37
C MSE C 58 27.64 -27.59 24.62
O MSE C 58 28.19 -27.79 25.70
CB MSE C 58 27.99 -25.13 24.25
CG MSE C 58 27.39 -23.76 23.91
SE MSE C 58 26.24 -23.71 22.29
CE MSE C 58 27.45 -24.54 21.01
N VAL C 59 27.62 -28.49 23.65
CA VAL C 59 28.20 -29.81 23.81
C VAL C 59 28.92 -30.26 22.55
N GLN C 60 29.81 -31.24 22.71
CA GLN C 60 30.56 -31.78 21.59
C GLN C 60 29.66 -32.67 20.75
N SER C 61 29.75 -32.51 19.43
CA SER C 61 28.96 -33.31 18.51
C SER C 61 29.57 -34.69 18.30
N PRO C 62 28.71 -35.69 18.11
CA PRO C 62 29.12 -37.04 17.72
C PRO C 62 29.08 -37.22 16.20
N MSE C 63 28.75 -36.18 15.46
CA MSE C 63 28.66 -36.30 14.00
C MSE C 63 29.88 -35.66 13.35
O MSE C 63 30.19 -35.96 12.20
CB MSE C 63 27.40 -35.62 13.46
CG MSE C 63 26.08 -36.19 13.95
SE MSE C 63 24.62 -34.89 13.69
CE MSE C 63 25.14 -33.57 15.07
N PHE C 64 30.54 -34.77 14.07
CA PHE C 64 31.67 -34.03 13.53
C PHE C 64 32.44 -33.39 14.66
N ASP C 65 33.64 -32.91 14.38
CA ASP C 65 34.49 -32.33 15.43
C ASP C 65 34.18 -30.88 15.69
N GLY C 66 33.28 -30.64 16.64
CA GLY C 66 32.90 -29.28 16.96
C GLY C 66 31.73 -29.24 17.91
N LYS C 67 31.48 -28.06 18.47
CA LYS C 67 30.41 -27.86 19.43
C LYS C 67 29.10 -27.54 18.75
N VAL C 68 28.01 -28.13 19.25
CA VAL C 68 26.65 -27.79 18.81
C VAL C 68 25.79 -27.45 20.00
N PRO C 69 24.84 -26.53 19.81
CA PRO C 69 23.90 -26.22 20.88
C PRO C 69 22.84 -27.29 21.06
N HIS C 70 22.49 -27.54 22.31
CA HIS C 70 21.28 -28.28 22.60
C HIS C 70 20.30 -27.23 23.06
N TRP C 71 19.34 -26.88 22.18
CA TRP C 71 18.38 -25.80 22.41
C TRP C 71 17.22 -26.20 23.29
N TYR C 72 16.80 -25.28 24.14
CA TYR C 72 15.58 -25.41 24.92
C TYR C 72 14.75 -24.14 24.79
N HIS C 73 13.44 -24.26 24.88
CA HIS C 73 12.62 -23.11 25.24
C HIS C 73 13.22 -22.50 26.52
N PHE C 74 13.02 -21.20 26.71
CA PHE C 74 13.49 -20.54 27.91
C PHE C 74 13.04 -21.25 29.18
N SER C 75 11.76 -21.53 29.32
CA SER C 75 11.27 -22.15 30.54
C SER C 75 11.78 -23.59 30.72
N CYS C 76 11.76 -24.36 29.63
CA CYS C 76 12.24 -25.72 29.65
C CYS C 76 13.72 -25.79 30.09
N PHE C 77 14.51 -24.78 29.71
CA PHE C 77 15.91 -24.78 30.06
C PHE C 77 16.09 -24.74 31.56
N TRP C 78 15.32 -23.89 32.22
CA TRP C 78 15.45 -23.80 33.67
C TRP C 78 14.88 -25.02 34.37
N LYS C 79 13.87 -25.66 33.77
CA LYS C 79 13.28 -26.85 34.38
C LYS C 79 14.29 -27.99 34.59
N VAL C 80 15.22 -28.18 33.66
CA VAL C 80 16.19 -29.27 33.80
C VAL C 80 17.32 -29.02 34.82
N GLY C 81 17.32 -27.88 35.52
CA GLY C 81 18.18 -27.67 36.68
C GLY C 81 19.60 -27.15 36.48
N HIS C 82 19.79 -25.83 36.61
CA HIS C 82 21.12 -25.25 36.47
C HIS C 82 21.56 -24.37 37.66
N SER C 83 22.86 -24.29 37.90
CA SER C 83 23.39 -23.30 38.83
C SER C 83 24.33 -22.35 38.06
N ILE C 84 23.74 -21.38 37.38
CA ILE C 84 24.50 -20.33 36.72
C ILE C 84 24.49 -19.13 37.66
N ARG C 85 25.67 -18.78 38.19
CA ARG C 85 25.79 -17.71 39.19
C ARG C 85 26.00 -16.35 38.54
N HIS C 86 26.70 -16.34 37.41
CA HIS C 86 27.00 -15.09 36.71
C HIS C 86 26.59 -15.14 35.24
N PRO C 87 25.29 -15.01 34.97
CA PRO C 87 24.75 -15.10 33.61
C PRO C 87 25.56 -14.26 32.62
N ASP C 88 25.75 -12.99 32.94
CA ASP C 88 26.49 -12.07 32.08
C ASP C 88 27.79 -12.65 31.56
N VAL C 89 28.50 -13.38 32.40
CA VAL C 89 29.80 -13.91 32.02
C VAL C 89 29.76 -15.37 31.59
N GLU C 90 28.82 -16.13 32.13
CA GLU C 90 28.77 -17.57 31.83
C GLU C 90 27.95 -17.92 30.59
N VAL C 91 27.03 -17.03 30.19
CA VAL C 91 26.12 -17.32 29.10
C VAL C 91 26.44 -16.49 27.85
N ASP C 92 27.11 -17.14 26.90
CA ASP C 92 27.39 -16.54 25.62
C ASP C 92 26.14 -15.91 25.03
N GLY C 93 26.26 -14.68 24.53
CA GLY C 93 25.16 -14.01 23.86
C GLY C 93 24.32 -13.15 24.78
N PHE C 94 24.67 -13.14 26.06
CA PHE C 94 23.87 -12.44 27.06
C PHE C 94 23.77 -10.94 26.80
N SER C 95 24.87 -10.32 26.38
CA SER C 95 24.93 -8.87 26.22
C SER C 95 24.13 -8.40 25.02
N GLU C 96 23.87 -9.33 24.09
CA GLU C 96 23.12 -9.01 22.88
C GLU C 96 21.62 -8.95 23.11
N LEU C 97 21.17 -9.29 24.30
CA LEU C 97 19.74 -9.34 24.55
C LEU C 97 19.18 -7.97 24.84
N ARG C 98 17.90 -7.78 24.53
CA ARG C 98 17.19 -6.61 24.99
C ARG C 98 17.39 -6.55 26.48
N TRP C 99 17.44 -5.34 27.02
CA TRP C 99 17.73 -5.16 28.42
C TRP C 99 16.71 -5.91 29.29
N ASP C 100 15.43 -5.84 28.91
CA ASP C 100 14.40 -6.49 29.72
C ASP C 100 14.61 -8.01 29.78
N ASP C 101 15.15 -8.59 28.72
CA ASP C 101 15.42 -10.03 28.71
C ASP C 101 16.70 -10.34 29.48
N GLN C 102 17.68 -9.44 29.41
CA GLN C 102 18.87 -9.57 30.24
C GLN C 102 18.48 -9.67 31.71
N GLN C 103 17.44 -8.94 32.10
CA GLN C 103 16.97 -8.96 33.48
C GLN C 103 16.21 -10.23 33.75
N LYS C 104 15.42 -10.67 32.77
CA LYS C 104 14.70 -11.92 32.88
C LYS C 104 15.66 -13.08 33.14
N VAL C 105 16.81 -13.05 32.48
CA VAL C 105 17.81 -14.10 32.64
C VAL C 105 18.44 -14.07 34.03
N LYS C 106 18.97 -12.91 34.41
CA LYS C 106 19.58 -12.74 35.73
C LYS C 106 18.63 -13.18 36.82
N LYS C 107 17.40 -12.67 36.77
CA LYS C 107 16.41 -12.92 37.81
C LYS C 107 16.11 -14.40 37.89
N THR C 108 15.99 -15.04 36.73
CA THR C 108 15.68 -16.46 36.69
C THR C 108 16.84 -17.27 37.26
N ALA C 109 18.05 -16.91 36.85
CA ALA C 109 19.25 -17.61 37.28
C ALA C 109 19.41 -17.57 38.80
N GLU C 110 19.18 -16.41 39.40
CA GLU C 110 19.30 -16.27 40.85
C GLU C 110 18.24 -17.12 41.56
N ALA C 111 17.08 -17.24 40.93
CA ALA C 111 15.97 -18.01 41.50
C ALA C 111 16.07 -19.49 41.14
N SER D 25 5.89 -3.29 -4.24
CA SER D 25 5.45 -1.98 -4.73
C SER D 25 5.34 -1.96 -6.25
N ASP D 26 4.29 -1.32 -6.73
CA ASP D 26 4.07 -1.18 -8.16
C ASP D 26 4.91 -0.04 -8.74
N LYS D 27 5.79 0.50 -7.91
CA LYS D 27 6.69 1.56 -8.35
C LYS D 27 7.67 1.04 -9.41
N LEU D 28 8.10 1.94 -10.27
CA LEU D 28 8.91 1.61 -11.43
C LEU D 28 10.37 1.44 -11.08
N TYR D 29 10.81 2.11 -10.01
CA TYR D 29 12.21 2.13 -9.62
C TYR D 29 12.42 1.69 -8.18
N ARG D 30 13.62 1.23 -7.88
CA ARG D 30 13.99 0.89 -6.51
CA ARG D 30 13.99 0.90 -6.52
C ARG D 30 15.43 1.33 -6.23
N VAL D 31 15.65 1.86 -5.03
CA VAL D 31 16.96 2.30 -4.58
C VAL D 31 17.14 1.69 -3.20
N GLU D 32 18.36 1.25 -2.89
CA GLU D 32 18.64 0.58 -1.63
C GLU D 32 20.13 0.39 -1.50
N TYR D 33 20.59 0.03 -0.31
CA TYR D 33 21.98 -0.36 -0.11
C TYR D 33 22.09 -1.82 -0.50
N ALA D 34 23.04 -2.11 -1.39
CA ALA D 34 23.12 -3.40 -2.03
C ALA D 34 23.08 -4.55 -1.01
N LYS D 35 22.30 -5.57 -1.30
CA LYS D 35 22.12 -6.67 -0.36
C LYS D 35 23.22 -7.71 -0.48
N SER D 36 23.90 -7.74 -1.62
CA SER D 36 25.09 -8.56 -1.78
C SER D 36 26.04 -7.76 -2.65
N GLY D 37 27.20 -8.33 -2.94
CA GLY D 37 28.14 -7.70 -3.84
C GLY D 37 28.14 -8.35 -5.21
N ARG D 38 27.10 -9.13 -5.49
CA ARG D 38 27.04 -9.97 -6.68
C ARG D 38 26.39 -9.33 -7.91
N ALA D 39 25.49 -8.37 -7.69
CA ALA D 39 24.80 -7.77 -8.81
C ALA D 39 25.80 -7.06 -9.71
N SER D 40 25.67 -7.22 -11.02
CA SER D 40 26.51 -6.44 -11.91
C SER D 40 25.70 -5.32 -12.56
N CYS D 41 26.35 -4.16 -12.67
CA CYS D 41 25.78 -2.95 -13.23
C CYS D 41 25.42 -3.14 -14.71
N LYS D 42 24.17 -2.85 -15.05
CA LYS D 42 23.74 -3.06 -16.42
C LYS D 42 24.22 -1.96 -17.37
N LYS D 43 24.94 -0.96 -16.88
CA LYS D 43 25.58 -0.05 -17.79
C LYS D 43 27.03 -0.41 -17.95
N CYS D 44 27.79 -0.39 -16.86
CA CYS D 44 29.24 -0.53 -16.96
C CYS D 44 29.72 -1.96 -16.80
N SER D 45 28.84 -2.85 -16.38
CA SER D 45 29.17 -4.27 -16.14
C SER D 45 29.96 -4.58 -14.86
N GLU D 46 30.49 -3.57 -14.17
CA GLU D 46 31.26 -3.85 -12.96
C GLU D 46 30.33 -4.27 -11.82
N SER D 47 30.86 -5.01 -10.85
CA SER D 47 30.02 -5.42 -9.75
C SER D 47 29.65 -4.25 -8.84
N ILE D 48 28.53 -4.38 -8.17
CA ILE D 48 28.00 -3.37 -7.27
C ILE D 48 28.29 -3.82 -5.84
N PRO D 49 29.23 -3.13 -5.17
CA PRO D 49 29.70 -3.59 -3.86
C PRO D 49 28.58 -3.68 -2.84
N LYS D 50 28.64 -4.68 -1.98
CA LYS D 50 27.67 -4.85 -0.90
C LYS D 50 27.54 -3.56 -0.12
N ASP D 51 26.31 -3.22 0.28
CA ASP D 51 26.06 -2.04 1.10
C ASP D 51 26.20 -0.70 0.36
N SER D 52 26.70 -0.72 -0.88
CA SER D 52 26.75 0.51 -1.67
C SER D 52 25.37 0.90 -2.22
N LEU D 53 25.20 2.19 -2.50
CA LEU D 53 23.95 2.70 -3.03
C LEU D 53 23.75 2.20 -4.48
N ARG D 54 22.61 1.56 -4.74
CA ARG D 54 22.31 1.11 -6.07
C ARG D 54 20.88 1.42 -6.45
N MSE D 55 20.64 1.51 -7.75
CA MSE D 55 19.33 1.83 -8.28
C MSE D 55 18.92 0.88 -9.38
O MSE D 55 19.75 0.44 -10.18
CB MSE D 55 19.34 3.24 -8.85
CG MSE D 55 19.65 4.30 -7.82
SE MSE D 55 18.71 5.98 -8.23
CE MSE D 55 16.88 5.26 -8.41
N ALA D 56 17.63 0.57 -9.42
CA ALA D 56 17.13 -0.33 -10.43
C ALA D 56 15.90 0.23 -11.11
N ILE D 57 15.70 -0.14 -12.37
CA ILE D 57 14.38 -0.05 -12.95
C ILE D 57 13.80 -1.44 -12.80
N MSE D 58 12.52 -1.51 -12.47
CA MSE D 58 11.85 -2.78 -12.25
C MSE D 58 11.11 -3.20 -13.51
O MSE D 58 10.41 -2.42 -14.13
CB MSE D 58 10.89 -2.67 -11.08
CG MSE D 58 11.57 -2.21 -9.79
SE MSE D 58 12.91 -3.50 -9.17
CE MSE D 58 11.73 -5.03 -8.93
N VAL D 59 11.30 -4.45 -13.93
CA VAL D 59 10.50 -4.96 -15.03
C VAL D 59 9.73 -6.23 -14.61
N GLN D 60 8.51 -6.37 -15.12
CA GLN D 60 7.68 -7.54 -14.88
C GLN D 60 8.24 -8.75 -15.62
N SER D 61 8.45 -9.85 -14.92
CA SER D 61 8.88 -11.08 -15.60
C SER D 61 7.67 -11.73 -16.27
N PRO D 62 7.87 -12.29 -17.47
CA PRO D 62 6.83 -13.06 -18.14
C PRO D 62 6.91 -14.53 -17.71
N MSE D 63 7.98 -14.88 -17.00
CA MSE D 63 8.29 -16.26 -16.62
C MSE D 63 7.74 -16.65 -15.26
O MSE D 63 7.25 -17.77 -15.07
CB MSE D 63 9.80 -16.49 -16.64
CG MSE D 63 10.50 -16.22 -17.97
SE MSE D 63 9.83 -17.31 -19.45
CE MSE D 63 8.36 -16.20 -20.03
N PHE D 64 7.85 -15.75 -14.29
CA PHE D 64 7.32 -15.98 -12.98
C PHE D 64 6.57 -14.74 -12.56
N ASP D 65 5.84 -14.82 -11.44
CA ASP D 65 5.01 -13.71 -10.99
C ASP D 65 5.80 -12.76 -10.11
N GLY D 66 6.56 -11.87 -10.74
CA GLY D 66 7.40 -10.95 -9.99
C GLY D 66 8.19 -10.06 -10.92
N LYS D 67 8.91 -9.10 -10.34
CA LYS D 67 9.65 -8.11 -11.12
C LYS D 67 11.13 -8.38 -10.99
N VAL D 68 11.87 -8.32 -12.09
CA VAL D 68 13.32 -8.39 -12.00
C VAL D 68 13.88 -6.99 -12.00
N PRO D 69 14.77 -6.68 -11.04
CA PRO D 69 15.48 -5.40 -11.02
C PRO D 69 16.62 -5.38 -12.02
N HIS D 70 16.73 -4.30 -12.78
CA HIS D 70 17.93 -4.07 -13.53
C HIS D 70 18.77 -3.11 -12.70
N TRP D 71 19.83 -3.60 -12.08
CA TRP D 71 20.60 -2.77 -11.14
C TRP D 71 21.68 -1.94 -11.81
N TYR D 72 21.91 -0.75 -11.26
CA TYR D 72 22.99 0.09 -11.69
C TYR D 72 23.68 0.72 -10.48
N HIS D 73 24.98 0.98 -10.61
CA HIS D 73 25.65 1.90 -9.72
C HIS D 73 24.83 3.16 -9.75
N PHE D 74 24.76 3.89 -8.63
CA PHE D 74 23.91 5.08 -8.61
C PHE D 74 24.20 5.96 -9.81
N SER D 75 25.47 6.28 -10.03
CA SER D 75 25.82 7.22 -11.09
C SER D 75 25.50 6.67 -12.48
N CYS D 76 25.73 5.38 -12.67
CA CYS D 76 25.48 4.77 -13.98
C CYS D 76 24.01 4.78 -14.35
N PHE D 77 23.14 4.76 -13.36
CA PHE D 77 21.69 4.73 -13.60
C PHE D 77 21.26 5.92 -14.42
N TRP D 78 21.85 7.07 -14.13
CA TRP D 78 21.49 8.29 -14.83
C TRP D 78 22.10 8.37 -16.24
N LYS D 79 23.19 7.64 -16.46
CA LYS D 79 23.92 7.73 -17.71
C LYS D 79 23.36 6.88 -18.85
N VAL D 80 22.51 5.92 -18.59
CA VAL D 80 21.95 5.14 -19.69
C VAL D 80 20.63 5.69 -20.17
N GLY D 81 20.16 6.77 -19.56
CA GLY D 81 18.93 7.39 -20.03
C GLY D 81 17.68 7.10 -19.21
N HIS D 82 17.82 6.52 -18.02
CA HIS D 82 16.71 6.47 -17.07
C HIS D 82 16.57 7.84 -16.41
N SER D 83 15.33 8.23 -16.12
CA SER D 83 15.09 9.54 -15.52
C SER D 83 13.95 9.47 -14.51
N ILE D 84 14.10 10.29 -13.47
CA ILE D 84 13.16 10.31 -12.36
C ILE D 84 12.91 11.76 -11.99
N ARG D 85 11.64 12.10 -11.78
CA ARG D 85 11.26 13.47 -11.46
C ARG D 85 11.01 13.63 -9.96
N HIS D 86 10.23 12.72 -9.42
CA HIS D 86 9.81 12.79 -8.03
C HIS D 86 10.24 11.52 -7.31
N PRO D 87 11.46 11.53 -6.73
CA PRO D 87 12.03 10.37 -6.08
C PRO D 87 11.11 9.82 -4.98
N ASP D 88 10.67 10.74 -4.14
CA ASP D 88 9.85 10.41 -2.98
C ASP D 88 8.74 9.47 -3.36
N VAL D 89 8.12 9.73 -4.51
CA VAL D 89 6.92 9.03 -4.93
C VAL D 89 7.14 7.97 -6.01
N GLU D 90 8.22 8.08 -6.78
CA GLU D 90 8.49 7.15 -7.89
C GLU D 90 9.43 6.00 -7.53
N VAL D 91 10.30 6.21 -6.55
CA VAL D 91 11.35 5.26 -6.26
C VAL D 91 11.13 4.51 -4.94
N ASP D 92 10.89 3.21 -5.05
CA ASP D 92 10.68 2.34 -3.90
C ASP D 92 11.92 2.28 -3.01
N GLY D 93 11.74 2.46 -1.71
CA GLY D 93 12.85 2.44 -0.79
C GLY D 93 13.49 3.79 -0.51
N PHE D 94 12.97 4.83 -1.15
CA PHE D 94 13.60 6.13 -1.03
C PHE D 94 13.65 6.64 0.40
N SER D 95 12.52 6.54 1.09
CA SER D 95 12.39 7.06 2.46
C SER D 95 13.21 6.27 3.49
N GLU D 96 13.70 5.10 3.09
CA GLU D 96 14.49 4.28 4.00
C GLU D 96 15.97 4.55 3.87
N LEU D 97 16.35 5.42 2.93
CA LEU D 97 17.75 5.74 2.71
C LEU D 97 18.22 6.64 3.83
N ARG D 98 19.53 6.64 4.09
CA ARG D 98 20.08 7.64 4.97
C ARG D 98 19.84 9.03 4.40
N TRP D 99 19.63 10.01 5.27
CA TRP D 99 19.25 11.37 4.90
C TRP D 99 20.15 11.89 3.78
N ASP D 100 21.43 11.76 4.03
CA ASP D 100 22.51 11.92 3.08
C ASP D 100 22.14 11.52 1.64
N ASP D 101 21.81 10.26 1.48
CA ASP D 101 21.55 9.68 0.17
C ASP D 101 20.18 10.08 -0.38
N GLN D 102 19.24 10.39 0.50
CA GLN D 102 17.97 10.96 0.08
C GLN D 102 18.20 12.30 -0.63
N GLN D 103 19.11 13.11 -0.08
CA GLN D 103 19.41 14.42 -0.65
C GLN D 103 20.09 14.28 -2.01
N LYS D 104 20.99 13.30 -2.10
CA LYS D 104 21.72 13.07 -3.33
C LYS D 104 20.75 12.66 -4.41
N VAL D 105 19.91 11.69 -4.12
CA VAL D 105 18.94 11.23 -5.11
C VAL D 105 18.08 12.37 -5.61
N LYS D 106 17.60 13.20 -4.70
CA LYS D 106 16.68 14.29 -5.05
C LYS D 106 17.41 15.34 -5.87
N LYS D 107 18.65 15.63 -5.50
CA LYS D 107 19.45 16.60 -6.25
C LYS D 107 19.75 16.07 -7.65
N THR D 108 20.22 14.82 -7.71
CA THR D 108 20.62 14.23 -8.98
C THR D 108 19.41 14.17 -9.90
N ALA D 109 18.24 13.91 -9.33
CA ALA D 109 17.00 13.84 -10.10
C ALA D 109 16.69 15.18 -10.75
N GLU D 110 16.75 16.23 -9.93
CA GLU D 110 16.48 17.59 -10.40
C GLU D 110 17.51 18.06 -11.41
N ALA D 111 18.74 17.55 -11.31
CA ALA D 111 19.77 17.90 -12.26
C ALA D 111 19.50 17.25 -13.63
N GLY D 112 18.42 16.48 -13.72
CA GLY D 112 18.20 15.63 -14.87
C GLY D 112 19.34 14.62 -14.98
N GLY D 113 20.25 14.64 -14.02
CA GLY D 113 21.40 13.75 -14.03
C GLY D 113 22.52 14.18 -13.10
N SER E 25 -8.98 5.52 30.58
CA SER E 25 -7.82 4.73 30.22
C SER E 25 -7.50 3.69 31.30
N ASP E 26 -7.40 4.13 32.54
CA ASP E 26 -7.21 3.18 33.65
C ASP E 26 -8.38 3.13 34.62
N LYS E 27 -9.40 3.94 34.37
CA LYS E 27 -10.55 4.03 35.28
C LYS E 27 -11.51 2.84 35.15
N LEU E 28 -12.17 2.52 36.26
CA LEU E 28 -13.00 1.32 36.36
C LEU E 28 -14.38 1.53 35.75
N TYR E 29 -14.78 2.79 35.64
CA TYR E 29 -16.13 3.17 35.29
C TYR E 29 -16.15 4.26 34.23
N ARG E 30 -17.20 4.27 33.41
CA ARG E 30 -17.45 5.38 32.52
C ARG E 30 -18.92 5.79 32.54
N VAL E 31 -19.16 7.08 32.41
CA VAL E 31 -20.51 7.65 32.30
C VAL E 31 -20.56 8.60 31.10
N GLU E 32 -21.67 8.60 30.37
CA GLU E 32 -21.76 9.40 29.15
C GLU E 32 -23.18 9.33 28.63
N TYR E 33 -23.52 10.24 27.73
CA TYR E 33 -24.82 10.18 27.09
C TYR E 33 -24.69 9.18 25.95
N ALA E 34 -25.65 8.27 25.86
CA ALA E 34 -25.59 7.15 24.91
C ALA E 34 -25.29 7.65 23.50
N LYS E 35 -24.16 7.21 22.95
CA LYS E 35 -23.77 7.63 21.61
C LYS E 35 -24.70 7.06 20.54
N SER E 36 -25.29 5.90 20.82
CA SER E 36 -26.33 5.35 19.93
C SER E 36 -27.43 4.78 20.82
N GLY E 37 -28.46 4.20 20.21
CA GLY E 37 -29.52 3.56 20.97
C GLY E 37 -29.42 2.04 20.96
N ARG E 38 -28.26 1.53 20.59
CA ARG E 38 -28.06 0.08 20.35
C ARG E 38 -27.48 -0.74 21.52
N ALA E 39 -26.83 -0.09 22.49
CA ALA E 39 -26.23 -0.80 23.62
C ALA E 39 -27.30 -1.56 24.37
N SER E 40 -27.01 -2.80 24.75
CA SER E 40 -27.96 -3.54 25.60
C SER E 40 -27.50 -3.46 27.04
N CYS E 41 -28.41 -3.13 27.94
CA CYS E 41 -28.12 -3.06 29.35
C CYS E 41 -27.79 -4.46 29.84
N LYS E 42 -26.63 -4.62 30.46
CA LYS E 42 -26.19 -5.93 30.93
C LYS E 42 -27.10 -6.51 32.00
N LYS E 43 -27.79 -5.65 32.75
CA LYS E 43 -28.72 -6.16 33.75
C LYS E 43 -30.11 -6.49 33.19
N CYS E 44 -30.78 -5.52 32.58
CA CYS E 44 -32.18 -5.71 32.19
C CYS E 44 -32.34 -6.07 30.72
N SER E 45 -31.25 -6.02 29.98
CA SER E 45 -31.14 -6.54 28.61
C SER E 45 -31.88 -5.71 27.56
N GLU E 46 -32.61 -4.71 28.04
CA GLU E 46 -33.28 -3.77 27.17
C GLU E 46 -32.26 -2.79 26.59
N SER E 47 -32.53 -2.20 25.45
CA SER E 47 -31.52 -1.30 24.92
C SER E 47 -31.59 0.11 25.56
N ILE E 48 -30.47 0.84 25.45
CA ILE E 48 -30.29 2.12 26.11
C ILE E 48 -30.42 3.20 25.06
N PRO E 49 -31.45 4.05 25.18
CA PRO E 49 -31.82 5.09 24.20
C PRO E 49 -30.72 6.10 23.99
N LYS E 50 -30.52 6.52 22.75
CA LYS E 50 -29.52 7.52 22.39
C LYS E 50 -29.65 8.74 23.29
N ASP E 51 -28.51 9.31 23.69
CA ASP E 51 -28.46 10.53 24.49
C ASP E 51 -28.81 10.36 25.96
N SER E 52 -29.42 9.23 26.33
CA SER E 52 -29.75 9.02 27.73
C SER E 52 -28.48 8.77 28.53
N LEU E 53 -28.54 9.00 29.85
CA LEU E 53 -27.39 8.83 30.75
C LEU E 53 -27.15 7.35 31.08
N ARG E 54 -25.98 6.84 30.72
CA ARG E 54 -25.68 5.43 30.87
C ARG E 54 -24.32 5.29 31.49
N MSE E 55 -24.08 4.16 32.16
CA MSE E 55 -22.81 3.94 32.84
C MSE E 55 -22.27 2.54 32.61
O MSE E 55 -23.03 1.59 32.48
CB MSE E 55 -22.95 4.17 34.34
CG MSE E 55 -23.31 5.59 34.64
SE MSE E 55 -23.21 5.95 36.54
CE MSE E 55 -21.30 5.70 36.83
N ALA E 56 -20.95 2.42 32.60
CA ALA E 56 -20.33 1.16 32.29
C ALA E 56 -19.29 0.78 33.33
N ILE E 57 -19.08 -0.52 33.46
CA ILE E 57 -17.88 -1.04 34.09
C ILE E 57 -16.94 -1.36 32.95
N MSE E 58 -15.69 -0.91 33.05
CA MSE E 58 -14.72 -1.25 32.03
C MSE E 58 -14.08 -2.61 32.32
O MSE E 58 -13.49 -2.78 33.39
CB MSE E 58 -13.64 -0.17 31.96
CG MSE E 58 -14.17 1.22 31.62
SE MSE E 58 -15.21 1.23 29.96
CE MSE E 58 -13.90 0.48 28.72
N VAL E 59 -14.20 -3.56 31.40
CA VAL E 59 -13.57 -4.88 31.57
C VAL E 59 -12.68 -5.26 30.39
N GLN E 60 -11.75 -6.19 30.60
CA GLN E 60 -10.96 -6.75 29.48
C GLN E 60 -11.83 -7.57 28.52
N SER E 61 -11.64 -7.37 27.23
CA SER E 61 -12.43 -8.08 26.24
C SER E 61 -11.86 -9.46 25.94
N PRO E 62 -12.75 -10.45 25.81
CA PRO E 62 -12.31 -11.79 25.40
C PRO E 62 -12.07 -11.84 23.88
N MSE E 63 -12.43 -10.77 23.17
CA MSE E 63 -12.30 -10.73 21.71
C MSE E 63 -10.93 -10.26 21.23
O MSE E 63 -10.20 -11.00 20.58
CB MSE E 63 -13.42 -9.89 21.08
CG MSE E 63 -14.80 -10.52 21.23
SE MSE E 63 -14.83 -12.42 20.71
CE MSE E 63 -14.56 -13.30 22.44
N PHE E 64 -10.59 -9.00 21.54
CA PHE E 64 -9.30 -8.43 21.15
C PHE E 64 -8.56 -8.00 22.40
N ASP E 65 -7.39 -7.40 22.25
CA ASP E 65 -6.66 -6.88 23.39
C ASP E 65 -7.02 -5.44 23.71
N GLY E 66 -7.90 -5.27 24.69
CA GLY E 66 -8.30 -3.93 25.10
C GLY E 66 -9.55 -3.95 25.94
N LYS E 67 -9.76 -2.89 26.71
CA LYS E 67 -10.94 -2.81 27.57
C LYS E 67 -12.18 -2.53 26.73
N VAL E 68 -13.33 -2.89 27.26
CA VAL E 68 -14.61 -2.75 26.57
C VAL E 68 -15.65 -2.41 27.64
N PRO E 69 -16.59 -1.50 27.34
CA PRO E 69 -17.57 -1.16 28.38
C PRO E 69 -18.71 -2.18 28.49
N HIS E 70 -19.13 -2.46 29.71
CA HIS E 70 -20.36 -3.18 29.92
C HIS E 70 -21.37 -2.12 30.33
N TRP E 71 -22.27 -1.77 29.42
CA TRP E 71 -23.20 -0.67 29.67
C TRP E 71 -24.39 -1.07 30.52
N TYR E 72 -24.83 -0.12 31.36
CA TYR E 72 -26.08 -0.22 32.07
C TYR E 72 -26.86 1.06 31.87
N HIS E 73 -28.20 0.97 31.91
CA HIS E 73 -29.00 2.15 32.23
C HIS E 73 -28.44 2.72 33.54
N PHE E 74 -28.67 4.00 33.78
CA PHE E 74 -28.18 4.64 34.99
C PHE E 74 -28.73 3.93 36.22
N SER E 75 -30.03 3.76 36.29
CA SER E 75 -30.64 3.10 37.46
C SER E 75 -30.12 1.66 37.63
N CYS E 76 -30.02 0.94 36.52
CA CYS E 76 -29.61 -0.46 36.55
C CYS E 76 -28.18 -0.57 37.06
N PHE E 77 -27.35 0.39 36.69
CA PHE E 77 -25.97 0.39 37.15
C PHE E 77 -25.88 0.41 38.67
N TRP E 78 -26.69 1.24 39.29
CA TRP E 78 -26.62 1.36 40.75
C TRP E 78 -27.23 0.15 41.46
N LYS E 79 -28.23 -0.49 40.84
CA LYS E 79 -28.79 -1.70 41.44
C LYS E 79 -27.74 -2.78 41.69
N VAL E 80 -26.72 -2.86 40.84
CA VAL E 80 -25.72 -3.94 40.96
C VAL E 80 -24.59 -3.74 42.00
N GLY E 81 -24.60 -2.61 42.71
CA GLY E 81 -23.78 -2.43 43.89
C GLY E 81 -22.38 -1.86 43.73
N HIS E 82 -22.20 -0.56 43.96
CA HIS E 82 -20.88 0.03 43.86
C HIS E 82 -20.52 0.93 45.05
N SER E 83 -19.24 1.01 45.38
CA SER E 83 -18.74 1.97 46.37
C SER E 83 -17.78 2.90 45.66
N ILE E 84 -18.32 3.95 45.08
CA ILE E 84 -17.48 4.95 44.42
C ILE E 84 -17.42 6.18 45.31
N ARG E 85 -16.25 6.44 45.87
CA ARG E 85 -16.12 7.50 46.87
C ARG E 85 -15.85 8.84 46.23
N HIS E 86 -15.13 8.81 45.11
CA HIS E 86 -14.73 10.02 44.41
C HIS E 86 -15.15 9.98 42.95
N PRO E 87 -16.47 10.08 42.71
CA PRO E 87 -17.03 9.86 41.37
C PRO E 87 -16.34 10.71 40.32
N ASP E 88 -16.01 11.95 40.67
CA ASP E 88 -15.34 12.86 39.75
C ASP E 88 -13.98 12.36 39.27
N VAL E 89 -13.29 11.56 40.10
CA VAL E 89 -11.99 11.04 39.71
C VAL E 89 -12.07 9.56 39.33
N GLU E 90 -13.08 8.87 39.82
CA GLU E 90 -13.17 7.44 39.59
C GLU E 90 -13.93 7.08 38.31
N VAL E 91 -14.82 7.97 37.87
CA VAL E 91 -15.67 7.68 36.72
C VAL E 91 -15.29 8.48 35.47
N ASP E 92 -14.59 7.84 34.54
CA ASP E 92 -14.25 8.46 33.26
C ASP E 92 -15.48 9.12 32.60
N GLY E 93 -15.31 10.36 32.13
CA GLY E 93 -16.37 11.06 31.45
C GLY E 93 -17.22 11.91 32.37
N PHE E 94 -16.87 11.94 33.65
CA PHE E 94 -17.69 12.66 34.62
C PHE E 94 -17.79 14.15 34.31
N SER E 95 -16.65 14.75 33.98
CA SER E 95 -16.59 16.20 33.82
C SER E 95 -17.32 16.68 32.56
N GLU E 96 -17.55 15.78 31.61
CA GLU E 96 -18.25 16.11 30.38
C GLU E 96 -19.77 16.11 30.51
N LEU E 97 -20.29 15.79 31.67
CA LEU E 97 -21.75 15.76 31.85
C LEU E 97 -22.29 17.15 32.16
N ARG E 98 -23.57 17.35 31.84
CA ARG E 98 -24.27 18.55 32.26
C ARG E 98 -24.17 18.57 33.77
N TRP E 99 -24.00 19.77 34.34
CA TRP E 99 -23.81 19.91 35.78
C TRP E 99 -24.94 19.19 36.52
N ASP E 100 -26.14 19.34 35.98
CA ASP E 100 -27.33 18.69 36.49
C ASP E 100 -27.09 17.20 36.73
N ASP E 101 -26.44 16.55 35.77
CA ASP E 101 -26.19 15.11 35.82
C ASP E 101 -24.92 14.79 36.64
N GLN E 102 -23.96 15.69 36.64
CA GLN E 102 -22.81 15.55 37.52
C GLN E 102 -23.28 15.43 38.96
N GLN E 103 -24.34 16.16 39.28
CA GLN E 103 -24.87 16.18 40.65
C GLN E 103 -25.71 14.94 40.93
N LYS E 104 -26.49 14.52 39.95
CA LYS E 104 -27.26 13.28 40.08
C LYS E 104 -26.31 12.10 40.31
N VAL E 105 -25.12 12.14 39.72
CA VAL E 105 -24.14 11.07 39.89
C VAL E 105 -23.52 11.08 41.28
N LYS E 106 -23.01 12.23 41.69
CA LYS E 106 -22.40 12.38 43.01
C LYS E 106 -23.37 11.98 44.12
N LYS E 107 -24.58 12.52 44.05
CA LYS E 107 -25.57 12.25 45.07
C LYS E 107 -25.97 10.77 45.11
N THR E 108 -26.08 10.15 43.94
CA THR E 108 -26.43 8.74 43.87
C THR E 108 -25.30 7.86 44.42
N ALA E 109 -24.07 8.21 44.07
CA ALA E 109 -22.91 7.46 44.54
C ALA E 109 -22.76 7.49 46.07
N GLU E 110 -23.05 8.63 46.70
CA GLU E 110 -22.95 8.70 48.17
C GLU E 110 -24.09 7.93 48.81
N ALA E 111 -25.20 7.80 48.08
CA ALA E 111 -26.35 7.08 48.57
C ALA E 111 -26.24 5.60 48.23
N SER F 25 -36.78 20.86 4.15
CA SER F 25 -36.98 22.14 3.50
C SER F 25 -37.19 22.00 1.98
N ASP F 26 -38.06 22.84 1.41
CA ASP F 26 -38.31 22.81 -0.04
C ASP F 26 -37.65 23.98 -0.75
N LYS F 27 -36.75 24.65 -0.03
CA LYS F 27 -35.97 25.74 -0.60
C LYS F 27 -35.02 25.19 -1.66
N LEU F 28 -34.64 26.04 -2.60
CA LEU F 28 -33.87 25.60 -3.73
C LEU F 28 -32.36 25.53 -3.45
N TYR F 29 -31.91 26.23 -2.41
CA TYR F 29 -30.48 26.22 -2.09
C TYR F 29 -30.23 25.85 -0.65
N ARG F 30 -28.99 25.46 -0.38
CA ARG F 30 -28.56 25.04 0.94
C ARG F 30 -27.16 25.60 1.18
N VAL F 31 -26.92 26.12 2.37
CA VAL F 31 -25.59 26.55 2.79
C VAL F 31 -25.33 25.94 4.17
N GLU F 32 -24.09 25.50 4.41
CA GLU F 32 -23.71 24.85 5.67
C GLU F 32 -22.20 24.66 5.73
N TYR F 33 -21.69 24.23 6.88
CA TYR F 33 -20.29 23.88 7.00
C TYR F 33 -20.16 22.42 6.59
N ALA F 34 -19.27 22.14 5.64
CA ALA F 34 -19.23 20.82 4.99
C ALA F 34 -19.17 19.68 6.01
N LYS F 35 -20.10 18.73 5.87
CA LYS F 35 -20.20 17.60 6.78
C LYS F 35 -19.07 16.57 6.63
N SER F 36 -18.48 16.48 5.44
CA SER F 36 -17.24 15.73 5.26
C SER F 36 -16.38 16.51 4.28
N GLY F 37 -15.19 15.97 3.96
CA GLY F 37 -14.31 16.61 3.01
C GLY F 37 -14.38 15.92 1.66
N ARG F 38 -15.43 15.13 1.45
CA ARG F 38 -15.54 14.31 0.23
C ARG F 38 -16.29 14.92 -0.95
N ALA F 39 -17.19 15.86 -0.73
CA ALA F 39 -17.91 16.42 -1.87
C ALA F 39 -16.98 17.17 -2.82
N SER F 40 -17.18 16.97 -4.12
CA SER F 40 -16.43 17.72 -5.13
C SER F 40 -17.23 18.92 -5.65
N CYS F 41 -16.53 20.04 -5.79
CA CYS F 41 -17.12 21.29 -6.27
C CYS F 41 -17.54 21.14 -7.74
N LYS F 42 -18.79 21.46 -8.04
CA LYS F 42 -19.32 21.29 -9.38
C LYS F 42 -18.86 22.38 -10.33
N LYS F 43 -18.00 23.26 -9.84
CA LYS F 43 -17.49 24.32 -10.67
C LYS F 43 -16.01 24.07 -10.91
N CYS F 44 -15.24 23.98 -9.85
CA CYS F 44 -13.79 23.82 -10.01
C CYS F 44 -13.26 22.38 -9.93
N SER F 45 -14.09 21.43 -9.51
CA SER F 45 -13.72 20.00 -9.41
C SER F 45 -12.93 19.61 -8.14
N GLU F 46 -12.37 20.59 -7.43
CA GLU F 46 -11.60 20.29 -6.22
C GLU F 46 -12.53 19.89 -5.06
N SER F 47 -11.98 19.14 -4.13
CA SER F 47 -12.76 18.71 -2.98
C SER F 47 -13.04 19.87 -2.03
N ILE F 48 -14.18 19.79 -1.37
CA ILE F 48 -14.64 20.80 -0.46
C ILE F 48 -14.30 20.34 0.96
N PRO F 49 -13.33 21.01 1.59
CA PRO F 49 -12.79 20.56 2.88
C PRO F 49 -13.85 20.55 3.96
N LYS F 50 -13.80 19.54 4.82
CA LYS F 50 -14.67 19.44 5.97
C LYS F 50 -14.73 20.73 6.79
N ASP F 51 -15.93 21.08 7.24
CA ASP F 51 -16.16 22.29 8.05
C ASP F 51 -16.09 23.60 7.28
N SER F 52 -15.61 23.56 6.04
CA SER F 52 -15.59 24.76 5.19
C SER F 52 -17.00 25.18 4.75
N LEU F 53 -17.18 26.47 4.46
CA LEU F 53 -18.44 27.00 3.98
C LEU F 53 -18.74 26.54 2.56
N ARG F 54 -19.88 25.89 2.37
CA ARG F 54 -20.20 25.40 1.05
C ARG F 54 -21.67 25.65 0.75
N MSE F 55 -22.01 25.67 -0.53
CA MSE F 55 -23.38 25.94 -0.92
C MSE F 55 -23.82 25.01 -2.05
O MSE F 55 -23.01 24.62 -2.91
CB MSE F 55 -23.52 27.38 -1.39
CG MSE F 55 -23.21 28.40 -0.31
SE MSE F 55 -23.68 30.20 -0.94
CE MSE F 55 -25.61 29.95 -1.15
N ALA F 56 -25.11 24.68 -2.05
CA ALA F 56 -25.66 23.78 -3.05
C ALA F 56 -26.93 24.31 -3.68
N ILE F 57 -27.18 23.93 -4.92
CA ILE F 57 -28.52 24.02 -5.44
C ILE F 57 -29.08 22.61 -5.27
N MSE F 58 -30.35 22.50 -4.89
CA MSE F 58 -31.00 21.19 -4.69
C MSE F 58 -31.82 20.81 -5.91
O MSE F 58 -32.57 21.62 -6.46
CB MSE F 58 -31.96 21.22 -3.49
CG MSE F 58 -31.37 21.78 -2.23
SE MSE F 58 -29.89 20.71 -1.55
CE MSE F 58 -30.83 19.01 -1.33
N VAL F 59 -31.70 19.56 -6.36
CA VAL F 59 -32.53 19.06 -7.43
C VAL F 59 -33.25 17.82 -6.92
N GLN F 60 -34.49 17.64 -7.35
CA GLN F 60 -35.25 16.43 -7.04
C GLN F 60 -34.70 15.26 -7.83
N SER F 61 -34.29 14.18 -7.16
CA SER F 61 -33.85 12.98 -7.87
C SER F 61 -35.02 12.17 -8.41
N PRO F 62 -34.86 11.64 -9.62
CA PRO F 62 -35.87 10.81 -10.26
C PRO F 62 -35.67 9.33 -9.96
N MSE F 63 -34.54 8.95 -9.34
CA MSE F 63 -34.27 7.55 -9.02
C MSE F 63 -34.70 7.16 -7.60
O MSE F 63 -34.87 5.99 -7.31
CB MSE F 63 -32.79 7.21 -9.18
CG MSE F 63 -32.18 7.56 -10.54
SE MSE F 63 -32.85 6.50 -12.05
CE MSE F 63 -34.53 7.45 -12.37
N PHE F 64 -34.83 8.16 -6.73
CA PHE F 64 -35.21 7.94 -5.35
C PHE F 64 -35.86 9.19 -4.77
N ASP F 65 -36.74 9.01 -3.80
CA ASP F 65 -37.43 10.15 -3.21
C ASP F 65 -36.46 10.88 -2.29
N GLY F 66 -35.80 11.89 -2.84
CA GLY F 66 -34.78 12.63 -2.12
C GLY F 66 -34.20 13.69 -3.04
N LYS F 67 -33.82 14.82 -2.45
CA LYS F 67 -33.22 15.88 -3.21
C LYS F 67 -31.73 15.65 -3.27
N VAL F 68 -31.11 16.05 -4.37
CA VAL F 68 -29.67 15.91 -4.53
C VAL F 68 -29.03 17.28 -4.47
N PRO F 69 -27.98 17.43 -3.67
CA PRO F 69 -27.26 18.71 -3.66
C PRO F 69 -26.14 18.72 -4.69
N HIS F 70 -26.07 19.76 -5.52
CA HIS F 70 -24.85 20.02 -6.24
C HIS F 70 -24.04 21.00 -5.42
N TRP F 71 -23.01 20.52 -4.72
CA TRP F 71 -22.19 21.36 -3.86
C TRP F 71 -21.16 22.22 -4.60
N TYR F 72 -20.93 23.43 -4.09
CA TYR F 72 -19.83 24.27 -4.53
C TYR F 72 -19.09 24.84 -3.34
N HIS F 73 -17.80 25.12 -3.49
CA HIS F 73 -17.14 25.99 -2.53
C HIS F 73 -17.97 27.27 -2.52
N PHE F 74 -18.01 27.94 -1.39
CA PHE F 74 -18.76 29.19 -1.31
C PHE F 74 -18.49 30.15 -2.49
N SER F 75 -17.23 30.48 -2.73
CA SER F 75 -16.92 31.47 -3.74
C SER F 75 -17.25 30.96 -5.15
N CYS F 76 -17.15 29.66 -5.37
CA CYS F 76 -17.36 29.06 -6.69
C CYS F 76 -18.84 29.05 -7.03
N PHE F 77 -19.69 29.02 -6.01
CA PHE F 77 -21.13 28.92 -6.20
C PHE F 77 -21.63 30.05 -7.07
N TRP F 78 -21.04 31.22 -6.89
CA TRP F 78 -21.44 32.45 -7.56
C TRP F 78 -20.90 32.55 -9.00
N LYS F 79 -19.93 31.71 -9.36
CA LYS F 79 -19.28 31.87 -10.65
C LYS F 79 -19.93 31.09 -11.77
N VAL F 80 -21.05 30.44 -11.52
CA VAL F 80 -21.63 29.61 -12.57
C VAL F 80 -22.99 30.07 -13.03
N GLY F 81 -23.44 31.21 -12.53
CA GLY F 81 -24.71 31.78 -12.94
C GLY F 81 -25.90 31.52 -12.03
N HIS F 82 -25.68 31.02 -10.82
CA HIS F 82 -26.76 31.01 -9.85
C HIS F 82 -26.92 32.42 -9.31
N SER F 83 -28.15 32.76 -8.93
CA SER F 83 -28.43 34.08 -8.40
C SER F 83 -29.48 34.00 -7.31
N ILE F 84 -29.24 34.77 -6.25
CA ILE F 84 -30.12 34.78 -5.11
C ILE F 84 -30.41 36.21 -4.69
N ARG F 85 -31.69 36.53 -4.63
CA ARG F 85 -32.12 37.86 -4.22
C ARG F 85 -32.14 37.98 -2.70
N HIS F 86 -32.74 37.00 -2.03
CA HIS F 86 -32.89 37.07 -0.58
C HIS F 86 -32.46 35.80 0.11
N PRO F 87 -31.19 35.75 0.53
CA PRO F 87 -30.53 34.58 1.14
C PRO F 87 -31.24 34.07 2.38
N ASP F 88 -31.66 34.95 3.28
CA ASP F 88 -32.33 34.54 4.51
C ASP F 88 -33.56 33.67 4.25
N VAL F 89 -34.28 33.92 3.16
CA VAL F 89 -35.48 33.13 2.90
C VAL F 89 -35.31 32.10 1.81
N GLU F 90 -34.31 32.24 0.96
CA GLU F 90 -34.15 31.31 -0.15
C GLU F 90 -33.21 30.17 0.14
N VAL F 91 -32.30 30.39 1.08
CA VAL F 91 -31.22 29.45 1.30
C VAL F 91 -31.35 28.73 2.64
N ASP F 92 -31.67 27.45 2.57
CA ASP F 92 -31.84 26.64 3.75
C ASP F 92 -30.53 26.57 4.53
N GLY F 93 -30.63 26.71 5.86
CA GLY F 93 -29.45 26.67 6.70
C GLY F 93 -28.81 28.03 6.95
N PHE F 94 -29.37 29.08 6.37
CA PHE F 94 -28.74 30.39 6.44
C PHE F 94 -28.61 30.89 7.86
N SER F 95 -29.71 30.80 8.61
CA SER F 95 -29.75 31.36 9.96
C SER F 95 -28.94 30.55 10.98
N GLU F 96 -28.46 29.37 10.60
CA GLU F 96 -27.61 28.58 11.47
C GLU F 96 -26.13 28.85 11.23
N LEU F 97 -25.80 29.67 10.23
CA LEU F 97 -24.40 30.01 9.99
C LEU F 97 -23.86 30.94 11.06
N ARG F 98 -22.56 30.91 11.26
CA ARG F 98 -21.92 31.91 12.08
C ARG F 98 -22.22 33.30 11.52
N TRP F 99 -22.33 34.29 12.40
CA TRP F 99 -22.70 35.64 12.00
C TRP F 99 -21.91 36.21 10.83
N ASP F 100 -20.60 36.01 10.84
CA ASP F 100 -19.82 36.62 9.79
C ASP F 100 -20.06 35.92 8.45
N ASP F 101 -20.36 34.62 8.49
CA ASP F 101 -20.74 33.94 7.26
C ASP F 101 -22.14 34.36 6.80
N GLN F 102 -23.02 34.72 7.72
CA GLN F 102 -24.33 35.25 7.36
C GLN F 102 -24.13 36.54 6.56
N GLN F 103 -23.21 37.37 7.02
CA GLN F 103 -23.00 38.67 6.40
C GLN F 103 -22.34 38.49 5.03
N LYS F 104 -21.46 37.50 4.94
CA LYS F 104 -20.79 37.27 3.69
C LYS F 104 -21.79 36.77 2.63
N VAL F 105 -22.61 35.80 3.00
CA VAL F 105 -23.62 35.29 2.08
C VAL F 105 -24.49 36.44 1.59
N LYS F 106 -24.92 37.28 2.52
CA LYS F 106 -25.82 38.38 2.19
C LYS F 106 -25.15 39.41 1.28
N LYS F 107 -23.92 39.80 1.61
CA LYS F 107 -23.18 40.77 0.82
C LYS F 107 -22.81 40.20 -0.55
N THR F 108 -22.40 38.95 -0.60
CA THR F 108 -22.03 38.35 -1.88
C THR F 108 -23.23 38.21 -2.81
N ALA F 109 -24.41 37.97 -2.23
CA ALA F 109 -25.60 37.82 -3.03
C ALA F 109 -26.05 39.16 -3.61
N GLU F 110 -25.94 40.23 -2.82
CA GLU F 110 -26.27 41.56 -3.30
C GLU F 110 -25.28 42.04 -4.36
N ALA F 111 -24.04 41.56 -4.26
CA ALA F 111 -23.01 41.84 -5.26
C ALA F 111 -23.23 41.07 -6.56
N GLY F 112 -23.69 39.82 -6.45
CA GLY F 112 -23.93 38.98 -7.61
C GLY F 112 -25.07 39.54 -8.43
N GLY F 113 -25.85 40.42 -7.81
CA GLY F 113 -26.97 41.08 -8.47
C GLY F 113 -26.52 42.14 -9.45
N VAL F 114 -25.34 42.72 -9.19
CA VAL F 114 -24.76 43.75 -10.06
C VAL F 114 -24.53 43.30 -11.51
N SER G 25 11.39 41.88 -10.34
CA SER G 25 11.81 41.40 -11.66
C SER G 25 11.03 42.06 -12.79
N ASP G 26 11.71 42.31 -13.90
CA ASP G 26 11.19 43.08 -15.02
C ASP G 26 10.30 42.25 -15.94
N LYS G 27 10.36 40.94 -15.81
CA LYS G 27 9.81 40.06 -16.85
C LYS G 27 8.30 39.86 -16.74
N LEU G 28 7.69 39.60 -17.88
CA LEU G 28 6.23 39.51 -17.97
C LEU G 28 5.71 38.13 -17.60
N TYR G 29 6.58 37.14 -17.59
CA TYR G 29 6.19 35.75 -17.36
C TYR G 29 7.11 35.02 -16.38
N ARG G 30 6.61 33.94 -15.80
CA ARG G 30 7.42 33.09 -14.95
C ARG G 30 6.98 31.65 -15.15
N VAL G 31 7.94 30.75 -15.08
CA VAL G 31 7.66 29.34 -15.15
C VAL G 31 8.43 28.71 -14.01
N GLU G 32 7.84 27.70 -13.39
CA GLU G 32 8.45 27.01 -12.27
C GLU G 32 7.64 25.77 -11.95
N TYR G 33 8.25 24.86 -11.18
CA TYR G 33 7.53 23.72 -10.65
C TYR G 33 6.74 24.22 -9.46
N ALA G 34 5.46 23.87 -9.41
CA ALA G 34 4.54 24.44 -8.43
C ALA G 34 5.05 24.24 -6.99
N LYS G 35 5.27 25.34 -6.27
CA LYS G 35 5.79 25.28 -4.91
C LYS G 35 4.79 24.61 -3.99
N SER G 36 3.50 24.74 -4.30
CA SER G 36 2.44 24.07 -3.55
C SER G 36 1.41 23.51 -4.52
N GLY G 37 0.38 22.88 -4.00
CA GLY G 37 -0.70 22.39 -4.84
C GLY G 37 -1.93 23.26 -4.66
N ARG G 38 -1.74 24.48 -4.17
CA ARG G 38 -2.86 25.33 -3.80
C ARG G 38 -3.26 26.39 -4.86
N ALA G 39 -2.34 26.75 -5.76
CA ALA G 39 -2.65 27.76 -6.77
C ALA G 39 -3.79 27.31 -7.68
N SER G 40 -4.71 28.23 -7.99
CA SER G 40 -5.82 27.93 -8.89
C SER G 40 -5.51 28.50 -10.26
N CYS G 41 -5.75 27.68 -11.27
CA CYS G 41 -5.54 28.11 -12.63
C CYS G 41 -6.49 29.25 -12.99
N LYS G 42 -5.96 30.35 -13.48
CA LYS G 42 -6.83 31.46 -13.80
C LYS G 42 -7.81 31.09 -14.90
N LYS G 43 -7.44 30.15 -15.78
CA LYS G 43 -8.36 29.76 -16.83
C LYS G 43 -9.41 28.71 -16.41
N CYS G 44 -8.95 27.56 -15.93
CA CYS G 44 -9.85 26.43 -15.70
C CYS G 44 -10.21 26.23 -14.22
N SER G 45 -9.62 27.05 -13.35
CA SER G 45 -10.01 27.15 -11.93
C SER G 45 -9.71 25.93 -11.09
N GLU G 46 -9.17 24.90 -11.71
CA GLU G 46 -8.71 23.71 -11.03
C GLU G 46 -7.37 24.01 -10.33
N SER G 47 -7.04 23.31 -9.27
CA SER G 47 -5.77 23.57 -8.64
C SER G 47 -4.59 22.98 -9.44
N ILE G 48 -3.42 23.60 -9.30
CA ILE G 48 -2.20 23.19 -9.95
C ILE G 48 -1.35 22.37 -8.97
N PRO G 49 -1.21 21.06 -9.24
CA PRO G 49 -0.54 20.10 -8.35
C PRO G 49 0.91 20.46 -8.06
N LYS G 50 1.33 20.18 -6.84
CA LYS G 50 2.67 20.47 -6.39
C LYS G 50 3.71 19.92 -7.37
N ASP G 51 4.77 20.68 -7.62
CA ASP G 51 5.89 20.21 -8.45
C ASP G 51 5.58 20.09 -9.94
N SER G 52 4.31 20.25 -10.33
CA SER G 52 3.98 20.28 -11.75
C SER G 52 4.49 21.59 -12.37
N LEU G 53 4.64 21.58 -13.70
CA LEU G 53 5.12 22.74 -14.44
C LEU G 53 3.99 23.73 -14.69
N ARG G 54 4.12 24.92 -14.10
CA ARG G 54 3.10 25.95 -14.22
C ARG G 54 3.70 27.28 -14.65
N MSE G 55 2.88 28.12 -15.28
CA MSE G 55 3.38 29.39 -15.82
C MSE G 55 2.50 30.56 -15.45
O MSE G 55 1.29 30.42 -15.33
CB MSE G 55 3.54 29.33 -17.33
CG MSE G 55 4.58 28.32 -17.80
SE MSE G 55 4.87 28.42 -19.74
CE MSE G 55 5.76 30.16 -19.87
N ALA G 56 3.11 31.73 -15.31
CA ALA G 56 2.37 32.90 -14.87
C ALA G 56 2.53 34.11 -15.79
N ILE G 57 1.49 34.92 -15.78
CA ILE G 57 1.57 36.29 -16.25
C ILE G 57 1.80 37.11 -14.99
N MSE G 58 2.87 37.91 -14.98
CA MSE G 58 3.22 38.73 -13.84
C MSE G 58 2.45 40.03 -13.88
O MSE G 58 2.58 40.82 -14.83
CB MSE G 58 4.73 38.99 -13.79
CG MSE G 58 5.54 37.71 -13.66
SE MSE G 58 5.06 36.65 -12.06
CE MSE G 58 5.17 38.05 -10.71
N VAL G 59 1.68 40.25 -12.82
CA VAL G 59 0.65 41.26 -12.77
C VAL G 59 0.91 42.19 -11.59
N GLN G 60 0.74 43.49 -11.79
CA GLN G 60 0.87 44.44 -10.69
C GLN G 60 -0.24 44.24 -9.67
N SER G 61 0.10 44.29 -8.38
CA SER G 61 -0.87 43.97 -7.33
C SER G 61 -1.69 45.19 -6.91
N PRO G 62 -2.90 44.95 -6.39
CA PRO G 62 -3.76 46.00 -5.82
C PRO G 62 -3.42 46.34 -4.37
N MSE G 63 -3.03 45.33 -3.57
CA MSE G 63 -2.83 45.52 -2.13
C MSE G 63 -1.53 46.23 -1.80
O MSE G 63 -1.45 46.99 -0.84
CB MSE G 63 -2.86 44.18 -1.40
CG MSE G 63 -3.77 43.14 -2.04
SE MSE G 63 -5.61 43.76 -2.20
CE MSE G 63 -6.33 42.28 -3.26
N PHE G 64 -0.50 45.97 -2.60
CA PHE G 64 0.83 46.43 -2.28
C PHE G 64 1.59 46.71 -3.56
N ASP G 65 2.70 47.41 -3.46
CA ASP G 65 3.47 47.72 -4.65
C ASP G 65 4.45 46.61 -4.96
N GLY G 66 4.16 45.85 -6.03
CA GLY G 66 4.97 44.71 -6.41
C GLY G 66 4.16 43.73 -7.24
N LYS G 67 4.85 42.98 -8.08
CA LYS G 67 4.20 42.06 -9.01
C LYS G 67 3.79 40.73 -8.36
N VAL G 68 2.63 40.21 -8.77
CA VAL G 68 2.17 38.89 -8.35
C VAL G 68 1.82 38.02 -9.55
N PRO G 69 1.98 36.69 -9.39
CA PRO G 69 1.73 35.78 -10.50
C PRO G 69 0.24 35.48 -10.65
N HIS G 70 -0.19 35.41 -11.90
CA HIS G 70 -1.44 34.81 -12.23
C HIS G 70 -1.09 33.45 -12.82
N TRP G 71 -1.31 32.38 -12.06
CA TRP G 71 -0.85 31.04 -12.44
C TRP G 71 -1.79 30.32 -13.38
N TYR G 72 -1.22 29.60 -14.33
CA TYR G 72 -1.97 28.69 -15.18
C TYR G 72 -1.29 27.34 -15.22
N HIS G 73 -2.07 26.26 -15.38
CA HIS G 73 -1.49 24.99 -15.86
C HIS G 73 -0.68 25.31 -17.12
N PHE G 74 0.32 24.47 -17.40
CA PHE G 74 1.16 24.67 -18.57
C PHE G 74 0.33 24.79 -19.84
N SER G 75 -0.57 23.83 -20.06
CA SER G 75 -1.38 23.86 -21.27
C SER G 75 -2.33 25.06 -21.31
N CYS G 76 -2.97 25.32 -20.18
CA CYS G 76 -3.92 26.42 -20.04
C CYS G 76 -3.29 27.79 -20.36
N PHE G 77 -2.03 27.96 -19.99
CA PHE G 77 -1.31 29.18 -20.26
C PHE G 77 -1.20 29.45 -21.76
N TRP G 78 -0.88 28.41 -22.52
CA TRP G 78 -0.72 28.58 -23.96
C TRP G 78 -2.06 28.80 -24.65
N LYS G 79 -3.13 28.19 -24.14
CA LYS G 79 -4.44 28.44 -24.72
C LYS G 79 -4.85 29.92 -24.69
N VAL G 80 -4.37 30.70 -23.71
CA VAL G 80 -4.86 32.09 -23.59
C VAL G 80 -4.12 33.14 -24.44
N GLY G 81 -3.16 32.68 -25.26
CA GLY G 81 -2.67 33.43 -26.40
C GLY G 81 -1.43 34.30 -26.26
N HIS G 82 -0.25 33.70 -26.42
CA HIS G 82 1.00 34.44 -26.25
C HIS G 82 1.96 34.32 -27.44
N SER G 83 2.67 35.40 -27.71
CA SER G 83 3.77 35.36 -28.66
C SER G 83 5.08 35.64 -27.94
N ILE G 84 5.69 34.59 -27.42
CA ILE G 84 6.96 34.71 -26.72
C ILE G 84 8.06 34.26 -27.69
N ARG G 85 8.91 35.20 -28.09
CA ARG G 85 9.89 34.92 -29.13
C ARG G 85 11.17 34.32 -28.56
N HIS G 86 11.57 34.79 -27.37
CA HIS G 86 12.77 34.29 -26.71
C HIS G 86 12.51 33.90 -25.25
N PRO G 87 11.93 32.69 -25.05
CA PRO G 87 11.61 32.11 -23.76
C PRO G 87 12.74 32.26 -22.76
N ASP G 88 13.94 31.90 -23.17
CA ASP G 88 15.09 31.94 -22.27
C ASP G 88 15.31 33.33 -21.65
N VAL G 89 14.92 34.38 -22.35
CA VAL G 89 15.11 35.74 -21.82
C VAL G 89 13.82 36.37 -21.30
N GLU G 90 12.68 36.00 -21.88
CA GLU G 90 11.41 36.62 -21.52
C GLU G 90 10.71 35.98 -20.32
N VAL G 91 11.00 34.71 -20.06
CA VAL G 91 10.30 33.99 -19.00
C VAL G 91 11.19 33.73 -17.79
N ASP G 92 11.01 34.54 -16.76
CA ASP G 92 11.71 34.36 -15.50
C ASP G 92 11.56 32.93 -14.99
N GLY G 93 12.66 32.36 -14.48
CA GLY G 93 12.69 30.99 -14.01
C GLY G 93 13.06 29.94 -15.05
N PHE G 94 13.20 30.35 -16.31
CA PHE G 94 13.47 29.42 -17.41
C PHE G 94 14.70 28.56 -17.16
N SER G 95 15.80 29.21 -16.77
CA SER G 95 17.08 28.51 -16.67
C SER G 95 17.14 27.54 -15.48
N GLU G 96 16.20 27.65 -14.55
CA GLU G 96 16.14 26.74 -13.41
C GLU G 96 15.33 25.47 -13.69
N LEU G 97 14.84 25.32 -14.92
CA LEU G 97 14.06 24.15 -15.28
C LEU G 97 14.96 23.00 -15.74
N ARG G 98 14.52 21.76 -15.52
CA ARG G 98 15.19 20.61 -16.11
C ARG G 98 15.27 20.83 -17.61
N TRP G 99 16.33 20.33 -18.24
CA TRP G 99 16.58 20.59 -19.64
C TRP G 99 15.41 20.19 -20.50
N ASP G 100 14.82 19.04 -20.21
CA ASP G 100 13.74 18.56 -21.05
C ASP G 100 12.50 19.46 -20.97
N ASP G 101 12.35 20.20 -19.86
CA ASP G 101 11.25 21.15 -19.72
C ASP G 101 11.60 22.49 -20.40
N GLN G 102 12.87 22.89 -20.33
CA GLN G 102 13.34 24.02 -21.11
C GLN G 102 13.04 23.81 -22.59
N GLN G 103 13.19 22.57 -23.05
CA GLN G 103 12.92 22.26 -24.44
C GLN G 103 11.42 22.29 -24.69
N LYS G 104 10.65 21.77 -23.73
CA LYS G 104 9.21 21.76 -23.84
C LYS G 104 8.70 23.19 -24.00
N VAL G 105 9.34 24.11 -23.29
CA VAL G 105 8.90 25.50 -23.30
C VAL G 105 9.25 26.19 -24.62
N LYS G 106 10.51 26.08 -25.03
CA LYS G 106 10.95 26.64 -26.32
C LYS G 106 10.06 26.15 -27.45
N LYS G 107 9.95 24.84 -27.56
CA LYS G 107 9.17 24.22 -28.62
C LYS G 107 7.72 24.71 -28.62
N THR G 108 7.13 24.84 -27.43
CA THR G 108 5.74 25.28 -27.32
C THR G 108 5.59 26.76 -27.71
N ALA G 109 6.55 27.57 -27.29
CA ALA G 109 6.52 29.00 -27.58
C ALA G 109 6.56 29.26 -29.10
N GLU G 110 7.46 28.59 -29.79
CA GLU G 110 7.60 28.80 -31.24
C GLU G 110 6.35 28.30 -31.96
N ALA G 111 5.68 27.31 -31.38
CA ALA G 111 4.44 26.77 -31.94
C ALA G 111 3.25 27.65 -31.57
N SER H 25 4.60 4.97 15.23
CA SER H 25 5.64 4.17 15.87
C SER H 25 5.37 3.92 17.35
N ASP H 26 5.82 2.79 17.87
CA ASP H 26 5.63 2.47 19.29
C ASP H 26 6.89 2.64 20.12
N LYS H 27 7.99 2.97 19.45
CA LYS H 27 9.28 3.11 20.12
C LYS H 27 9.29 4.29 21.07
N LEU H 28 10.14 4.20 22.08
CA LEU H 28 10.12 5.13 23.19
C LEU H 28 10.91 6.41 22.86
N TYR H 29 11.78 6.34 21.87
CA TYR H 29 12.60 7.49 21.55
C TYR H 29 12.58 7.79 20.07
N ARG H 30 13.02 8.99 19.75
CA ARG H 30 12.99 9.50 18.39
C ARG H 30 14.23 10.39 18.18
N VAL H 31 14.89 10.20 17.04
CA VAL H 31 16.05 10.98 16.65
C VAL H 31 15.88 11.42 15.19
N GLU H 32 16.27 12.66 14.90
CA GLU H 32 16.05 13.27 13.59
C GLU H 32 16.74 14.63 13.51
N TYR H 33 16.83 15.16 12.29
CA TYR H 33 17.29 16.52 12.05
C TYR H 33 16.13 17.45 12.24
N ALA H 34 16.29 18.39 13.16
CA ALA H 34 15.20 19.24 13.59
C ALA H 34 14.39 19.80 12.42
N LYS H 35 13.07 19.62 12.50
CA LYS H 35 12.16 20.04 11.45
C LYS H 35 11.91 21.53 11.45
N SER H 36 12.02 22.16 12.62
CA SER H 36 12.06 23.61 12.72
C SER H 36 13.13 24.02 13.73
N GLY H 37 13.26 25.33 13.94
CA GLY H 37 14.18 25.84 14.92
C GLY H 37 13.49 26.27 16.20
N ARG H 38 12.21 25.90 16.34
CA ARG H 38 11.36 26.39 17.44
C ARG H 38 11.34 25.52 18.70
N ALA H 39 11.64 24.23 18.58
CA ALA H 39 11.57 23.36 19.77
C ALA H 39 12.55 23.80 20.85
N SER H 40 12.07 23.75 22.10
CA SER H 40 12.86 24.10 23.28
C SER H 40 13.47 22.87 23.93
N CYS H 41 14.77 22.90 24.20
CA CYS H 41 15.44 21.76 24.82
C CYS H 41 14.98 21.62 26.25
N LYS H 42 14.56 20.40 26.60
CA LYS H 42 13.97 20.13 27.90
C LYS H 42 15.01 20.03 29.01
N LYS H 43 16.28 20.09 28.64
CA LYS H 43 17.32 20.13 29.65
C LYS H 43 17.73 21.57 29.88
N CYS H 44 18.17 22.23 28.81
CA CYS H 44 18.87 23.51 28.94
C CYS H 44 17.97 24.71 28.63
N SER H 45 16.80 24.43 28.05
CA SER H 45 15.83 25.49 27.74
C SER H 45 16.14 26.29 26.47
N GLU H 46 17.35 26.19 25.95
CA GLU H 46 17.69 26.88 24.71
C GLU H 46 17.01 26.17 23.51
N SER H 47 16.83 26.92 22.42
CA SER H 47 16.09 26.40 21.29
C SER H 47 16.99 25.50 20.46
N ILE H 48 16.36 24.57 19.76
CA ILE H 48 17.08 23.56 18.99
C ILE H 48 17.09 23.96 17.52
N PRO H 49 18.28 24.31 16.99
CA PRO H 49 18.41 24.86 15.63
C PRO H 49 17.87 23.91 14.57
N LYS H 50 17.15 24.45 13.60
CA LYS H 50 16.63 23.65 12.49
C LYS H 50 17.74 22.81 11.84
N ASP H 51 17.40 21.58 11.48
CA ASP H 51 18.32 20.66 10.83
C ASP H 51 19.41 20.08 11.74
N SER H 52 19.52 20.56 12.97
CA SER H 52 20.51 19.97 13.88
C SER H 52 19.99 18.65 14.43
N LEU H 53 20.91 17.84 14.93
CA LEU H 53 20.60 16.54 15.49
C LEU H 53 19.91 16.66 16.85
N ARG H 54 18.72 16.09 16.96
CA ARG H 54 17.91 16.24 18.16
C ARG H 54 17.25 14.93 18.52
N MSE H 55 17.04 14.73 19.82
CA MSE H 55 16.45 13.50 20.33
C MSE H 55 15.25 13.73 21.25
O MSE H 55 15.21 14.71 22.00
CB MSE H 55 17.49 12.69 21.04
CG MSE H 55 18.68 12.39 20.16
SE MSE H 55 19.77 10.95 20.88
CE MSE H 55 18.45 9.51 20.70
N ALA H 56 14.29 12.81 21.19
CA ALA H 56 13.10 12.95 22.00
C ALA H 56 12.79 11.69 22.78
N ILE H 57 12.19 11.86 23.95
CA ILE H 57 11.45 10.76 24.53
C ILE H 57 10.01 11.01 24.09
N MSE H 58 9.31 9.95 23.71
CA MSE H 58 7.94 10.08 23.23
C MSE H 58 6.95 9.70 24.33
O MSE H 58 7.14 8.70 25.02
CB MSE H 58 7.70 9.17 22.02
CG MSE H 58 8.66 9.43 20.88
SE MSE H 58 8.50 11.24 20.15
CE MSE H 58 6.72 11.03 19.38
N VAL H 59 5.92 10.51 24.49
CA VAL H 59 4.95 10.27 25.55
C VAL H 59 3.54 10.34 24.99
N GLN H 60 2.75 9.32 25.29
CA GLN H 60 1.34 9.29 24.90
C GLN H 60 0.55 10.40 25.57
N SER H 61 -0.12 11.24 24.78
CA SER H 61 -0.95 12.27 25.36
C SER H 61 -2.28 11.66 25.79
N PRO H 62 -2.76 12.04 26.99
CA PRO H 62 -4.09 11.65 27.43
C PRO H 62 -5.13 12.68 26.98
N MSE H 63 -4.68 13.75 26.33
CA MSE H 63 -5.60 14.79 25.85
C MSE H 63 -6.09 14.55 24.44
O MSE H 63 -7.19 14.98 24.07
CB MSE H 63 -4.95 16.18 25.89
CG MSE H 63 -4.73 16.75 27.30
SE MSE H 63 -6.25 16.49 28.51
CE MSE H 63 -5.62 14.89 29.43
N PHE H 64 -5.27 13.88 23.64
CA PHE H 64 -5.60 13.61 22.25
C PHE H 64 -4.93 12.32 21.82
N ASP H 65 -5.22 11.89 20.61
CA ASP H 65 -4.71 10.61 20.13
C ASP H 65 -3.43 10.82 19.35
N GLY H 66 -2.33 11.00 20.07
CA GLY H 66 -1.04 11.28 19.47
C GLY H 66 0.04 11.16 20.53
N LYS H 67 1.30 11.23 20.09
CA LYS H 67 2.40 11.18 21.03
C LYS H 67 3.05 12.55 21.05
N VAL H 68 3.57 12.90 22.21
CA VAL H 68 4.19 14.19 22.43
C VAL H 68 5.68 14.00 22.66
N PRO H 69 6.49 14.70 21.88
CA PRO H 69 7.95 14.60 21.99
C PRO H 69 8.45 15.56 23.04
N HIS H 70 9.29 15.08 23.96
CA HIS H 70 10.11 16.00 24.73
C HIS H 70 11.47 16.05 24.06
N TRP H 71 11.76 17.13 23.34
CA TRP H 71 12.99 17.26 22.55
C TRP H 71 14.16 17.78 23.37
N TYR H 72 15.35 17.29 23.05
CA TYR H 72 16.60 17.82 23.60
C TYR H 72 17.61 17.99 22.49
N HIS H 73 18.59 18.85 22.71
CA HIS H 73 19.79 18.84 21.87
C HIS H 73 20.37 17.45 22.05
N PHE H 74 21.06 16.95 21.04
CA PHE H 74 21.66 15.63 21.11
C PHE H 74 22.46 15.39 22.41
N SER H 75 23.36 16.30 22.73
CA SER H 75 24.20 16.16 23.92
C SER H 75 23.40 16.24 25.22
N CYS H 76 22.41 17.12 25.25
CA CYS H 76 21.61 17.36 26.45
C CYS H 76 20.76 16.15 26.82
N PHE H 77 20.35 15.39 25.79
CA PHE H 77 19.52 14.20 25.95
C PHE H 77 20.08 13.22 26.96
N TRP H 78 21.40 13.08 26.97
CA TRP H 78 22.07 12.10 27.82
C TRP H 78 22.32 12.63 29.22
N LYS H 79 22.27 13.95 29.38
CA LYS H 79 22.59 14.55 30.68
C LYS H 79 21.45 14.53 31.69
N VAL H 80 20.27 14.08 31.29
CA VAL H 80 19.13 14.17 32.18
C VAL H 80 18.74 12.81 32.74
N GLY H 81 19.55 11.80 32.45
CA GLY H 81 19.32 10.46 33.00
C GLY H 81 18.60 9.49 32.06
N HIS H 82 18.47 9.86 30.79
CA HIS H 82 17.93 8.96 29.77
C HIS H 82 19.02 7.99 29.33
N SER H 83 18.63 6.73 29.18
CA SER H 83 19.56 5.66 28.87
C SER H 83 19.05 4.81 27.71
N ILE H 84 19.92 4.52 26.74
CA ILE H 84 19.55 3.64 25.62
C ILE H 84 20.59 2.55 25.41
N ARG H 85 20.14 1.30 25.36
CA ARG H 85 21.05 0.17 25.19
C ARG H 85 21.29 -0.17 23.73
N HIS H 86 20.21 -0.22 22.98
CA HIS H 86 20.26 -0.60 21.57
C HIS H 86 19.54 0.44 20.73
N PRO H 87 20.28 1.48 20.30
CA PRO H 87 19.77 2.58 19.47
C PRO H 87 19.01 2.12 18.21
N ASP H 88 19.62 1.23 17.44
CA ASP H 88 19.02 0.70 16.21
C ASP H 88 17.58 0.23 16.42
N VAL H 89 17.30 -0.39 17.55
CA VAL H 89 15.96 -0.93 17.77
C VAL H 89 15.06 -0.08 18.67
N GLU H 90 15.66 0.73 19.54
CA GLU H 90 14.85 1.53 20.48
C GLU H 90 14.48 2.90 19.97
N VAL H 91 15.26 3.43 19.02
CA VAL H 91 15.15 4.84 18.64
C VAL H 91 14.61 4.99 17.23
N ASP H 92 13.38 5.47 17.14
CA ASP H 92 12.75 5.72 15.86
C ASP H 92 13.52 6.76 15.05
N GLY H 93 13.73 6.48 13.77
CA GLY H 93 14.44 7.39 12.88
C GLY H 93 15.94 7.14 12.83
N PHE H 94 16.42 6.18 13.61
CA PHE H 94 17.84 5.92 13.72
C PHE H 94 18.47 5.57 12.37
N SER H 95 17.85 4.63 11.66
CA SER H 95 18.42 4.17 10.41
C SER H 95 18.33 5.17 9.24
N GLU H 96 17.61 6.28 9.42
CA GLU H 96 17.57 7.31 8.38
C GLU H 96 18.59 8.42 8.59
N LEU H 97 19.32 8.37 9.70
CA LEU H 97 20.37 9.34 9.99
C LEU H 97 21.58 9.14 9.06
N ARG H 98 22.34 10.21 8.84
CA ARG H 98 23.61 10.08 8.15
C ARG H 98 24.42 9.07 8.92
N TRP H 99 25.27 8.33 8.23
CA TRP H 99 26.07 7.30 8.88
C TRP H 99 26.86 7.82 10.06
N ASP H 100 27.43 9.01 9.90
CA ASP H 100 28.20 9.68 10.94
C ASP H 100 27.43 9.73 12.25
N ASP H 101 26.20 10.20 12.14
CA ASP H 101 25.38 10.41 13.30
C ASP H 101 24.89 9.09 13.84
N GLN H 102 24.76 8.09 12.97
CA GLN H 102 24.41 6.79 13.47
C GLN H 102 25.49 6.31 14.42
N GLN H 103 26.75 6.53 14.05
CA GLN H 103 27.82 6.01 14.87
C GLN H 103 27.95 6.84 16.15
N LYS H 104 27.66 8.12 16.06
CA LYS H 104 27.70 8.99 17.23
C LYS H 104 26.66 8.55 18.26
N VAL H 105 25.43 8.38 17.81
CA VAL H 105 24.36 7.85 18.66
C VAL H 105 24.77 6.54 19.33
N LYS H 106 25.27 5.60 18.56
CA LYS H 106 25.57 4.28 19.09
C LYS H 106 26.75 4.34 20.07
N LYS H 107 27.73 5.19 19.74
CA LYS H 107 28.90 5.38 20.56
C LYS H 107 28.54 6.08 21.88
N THR H 108 27.70 7.11 21.80
CA THR H 108 27.27 7.83 22.99
C THR H 108 26.37 6.97 23.87
N ALA H 109 25.59 6.08 23.26
CA ALA H 109 24.72 5.22 24.05
C ALA H 109 25.53 4.17 24.83
N GLU H 110 26.52 3.56 24.20
CA GLU H 110 27.38 2.61 24.89
C GLU H 110 28.24 3.29 25.95
N ALA H 111 28.47 4.60 25.80
CA ALA H 111 29.19 5.36 26.81
C ALA H 111 28.41 5.39 28.13
N GLY H 112 27.41 4.54 28.26
CA GLY H 112 26.61 4.47 29.48
C GLY H 112 25.75 5.72 29.66
ZN ZN Q . -23.74 -23.62 -44.32
ZN ZN R . 6.28 -27.33 -3.48
ZN ZN S . 10.49 -27.08 25.55
ZN ZN T . 28.12 1.02 -13.31
ZN ZN U . -31.16 -1.73 32.40
ZN ZN V . -14.76 25.21 -6.17
ZN ZN W . -5.90 25.23 -16.03
ZN ZN X . 19.91 21.55 25.38
#